data_2Y7Q
#
_entry.id   2Y7Q
#
_cell.length_a   99.491
_cell.length_b   103.341
_cell.length_c   110.122
_cell.angle_alpha   90.00
_cell.angle_beta   90.00
_cell.angle_gamma   90.00
#
_symmetry.space_group_name_H-M   'P 21 21 21'
#
loop_
_entity.id
_entity.type
_entity.pdbx_description
1 polymer 'HIGH AFFINITY IMMUNOGLOBULIN EPSILON RECEPTOR SUBUNIT ALPHA'
2 polymer 'IG EPSILON CHAIN C REGION'
3 branched alpha-D-mannopyranose-(1-3)-beta-D-mannopyranose-(1-4)-2-acetamido-2-deoxy-beta-D-glucopyranose-(1-4)-2-acetamido-2-deoxy-beta-D-glucopyranose
4 non-polymer 2-acetamido-2-deoxy-beta-D-glucopyranose
#
loop_
_entity_poly.entity_id
_entity_poly.type
_entity_poly.pdbx_seq_one_letter_code
_entity_poly.pdbx_strand_id
1 'polypeptide(L)'
;ETGVPQKPKVSLNPPWNRIFKGENVTLTCNGNNFFEVSSTKWFHNGSLSEETNSSLNIVNAKFEDSGEYKCQHQQVAESE
PVYLEVFSDWLLLQASAEVVMEGQPLFLRCHGWRNWDVYKVIYYKDGEALKYWYENHAISITNAAAEDSGTYYCTGKVWQ
LDYESEPLNITVIKAPREKGTKHHHHHH
;
A
2 'polypeptide(L)'
;DIVASRDFTPPTVKILQSSCDGGGHFPPTIQLLCLVSGYTPGTIQITWLEDGQVMDVDLSTASTTQEGELASTQSELTLS
QKHWLSDRTYTCQVTYQGHTFEDSTKKCADSNPRGVSAYLSRPSPFDLFIRKSPTITCLVVDLAPSKGTVQLTWSRASGK
PVNHSTRKEEKQRNGTLTVTSTLPVGTRDWIEGETYQCRVTHPHLPRALMRSTTKTSGPRAAPEVYAFATPEWPGSRDKR
TLACLIQNFMPEDISVQWLHNEVQLPDARHSTTQPRKTKGSGFFVFSRLEVTRAEWEQKDEFICRAVHEAASPSQTVQRA
VSVNPGK
;
B,D
#
loop_
_chem_comp.id
_chem_comp.type
_chem_comp.name
_chem_comp.formula
BMA D-saccharide, beta linking beta-D-mannopyranose 'C6 H12 O6'
MAN D-saccharide, alpha linking alpha-D-mannopyranose 'C6 H12 O6'
NAG D-saccharide, beta linking 2-acetamido-2-deoxy-beta-D-glucopyranose 'C8 H15 N O6'
#
# COMPACT_ATOMS: atom_id res chain seq x y z
N LYS A 7 9.55 -18.76 55.73
CA LYS A 7 9.35 -19.04 54.31
C LYS A 7 9.91 -17.90 53.49
N PRO A 8 10.86 -18.21 52.58
CA PRO A 8 11.44 -17.21 51.68
C PRO A 8 10.51 -16.97 50.49
N LYS A 9 10.69 -15.86 49.78
CA LYS A 9 9.94 -15.63 48.56
C LYS A 9 10.85 -15.56 47.33
N VAL A 10 10.26 -15.72 46.16
CA VAL A 10 11.04 -15.78 44.93
C VAL A 10 10.88 -14.51 44.10
N SER A 11 12.02 -13.90 43.76
CA SER A 11 12.02 -12.66 43.03
C SER A 11 12.52 -12.87 41.61
N LEU A 12 11.98 -12.05 40.70
CA LEU A 12 12.33 -12.15 39.30
C LEU A 12 12.96 -10.85 38.80
N ASN A 13 14.12 -10.98 38.17
CA ASN A 13 14.71 -9.85 37.49
C ASN A 13 15.15 -10.26 36.10
N PRO A 14 14.54 -9.65 35.08
CA PRO A 14 13.47 -8.66 35.23
C PRO A 14 12.17 -9.26 35.78
N PRO A 15 11.24 -8.39 36.23
CA PRO A 15 10.01 -8.73 36.97
C PRO A 15 9.05 -9.62 36.19
N TRP A 16 9.21 -9.64 34.87
CA TRP A 16 8.27 -10.27 33.95
C TRP A 16 8.24 -11.78 34.08
N ASN A 17 7.08 -12.31 34.48
CA ASN A 17 6.87 -13.75 34.60
C ASN A 17 6.60 -14.39 33.27
N ARG A 18 6.62 -13.58 32.22
CA ARG A 18 6.46 -14.08 30.88
C ARG A 18 7.60 -13.52 30.07
N ILE A 19 8.44 -14.40 29.55
CA ILE A 19 9.55 -13.95 28.75
C ILE A 19 9.47 -14.61 27.38
N PHE A 20 10.38 -14.23 26.49
CA PHE A 20 10.48 -14.88 25.19
C PHE A 20 11.53 -15.98 25.24
N LYS A 21 11.53 -16.85 24.24
CA LYS A 21 12.57 -17.85 24.13
C LYS A 21 13.91 -17.13 23.99
N GLY A 22 14.97 -17.75 24.51
CA GLY A 22 16.31 -17.22 24.35
C GLY A 22 16.59 -16.13 25.36
N GLU A 23 15.53 -15.62 25.98
CA GLU A 23 15.64 -14.56 26.98
C GLU A 23 16.14 -15.10 28.31
N ASN A 24 16.74 -14.22 29.10
CA ASN A 24 17.21 -14.62 30.42
C ASN A 24 16.28 -14.14 31.53
N VAL A 25 16.60 -14.54 32.75
CA VAL A 25 15.85 -14.14 33.92
C VAL A 25 16.55 -14.77 35.10
N THR A 26 16.45 -14.17 36.27
CA THR A 26 17.21 -14.62 37.44
C THR A 26 16.35 -14.71 38.69
N LEU A 27 16.21 -15.91 39.23
CA LEU A 27 15.40 -16.10 40.43
C LEU A 27 16.26 -15.95 41.69
N THR A 28 15.94 -14.96 42.50
CA THR A 28 16.66 -14.71 43.75
C THR A 28 15.74 -15.06 44.92
N CYS A 29 16.33 -15.50 46.03
CA CYS A 29 15.53 -16.08 47.11
C CYS A 29 16.22 -16.01 48.48
N SER A 39 23.81 -21.84 49.58
CA SER A 39 23.37 -22.82 50.57
C SER A 39 21.84 -22.96 50.51
N THR A 40 21.29 -23.04 49.30
CA THR A 40 19.85 -23.11 49.09
C THR A 40 19.49 -24.21 48.07
N LYS A 41 18.24 -24.63 48.09
CA LYS A 41 17.74 -25.63 47.14
C LYS A 41 16.67 -25.04 46.23
N TRP A 42 16.64 -25.49 44.97
CA TRP A 42 15.67 -25.00 43.99
C TRP A 42 14.75 -26.11 43.45
N PHE A 43 13.51 -25.75 43.09
CA PHE A 43 12.50 -26.74 42.67
C PHE A 43 11.72 -26.43 41.40
N HIS A 44 12.34 -26.75 40.27
CA HIS A 44 11.74 -26.60 38.95
C HIS A 44 10.74 -27.71 38.66
N ASN A 45 9.48 -27.34 38.49
CA ASN A 45 8.38 -28.29 38.23
C ASN A 45 8.09 -29.22 39.40
N GLY A 46 9.00 -29.28 40.35
CA GLY A 46 8.90 -30.21 41.46
C GLY A 46 10.24 -30.89 41.65
N SER A 47 10.96 -31.05 40.55
CA SER A 47 12.28 -31.68 40.58
C SER A 47 13.31 -30.73 41.20
N LEU A 48 14.22 -31.26 42.01
CA LEU A 48 15.28 -30.44 42.58
C LEU A 48 16.28 -30.03 41.50
N SER A 49 16.55 -28.73 41.41
CA SER A 49 17.55 -28.24 40.47
C SER A 49 18.93 -28.36 41.10
N GLU A 50 19.93 -28.54 40.25
CA GLU A 50 21.31 -28.68 40.70
C GLU A 50 21.94 -27.34 41.06
N GLU A 51 21.15 -26.43 41.63
CA GLU A 51 21.66 -25.13 42.04
C GLU A 51 21.51 -24.88 43.55
N THR A 52 22.62 -24.50 44.18
CA THR A 52 22.65 -24.19 45.59
C THR A 52 22.49 -22.70 45.85
N ASN A 53 23.19 -21.89 45.06
CA ASN A 53 23.15 -20.44 45.19
C ASN A 53 21.74 -19.89 45.45
N SER A 54 21.68 -18.78 46.20
CA SER A 54 20.40 -18.15 46.54
C SER A 54 19.75 -17.58 45.30
N SER A 55 20.56 -17.34 44.28
CA SER A 55 20.07 -16.87 43.00
C SER A 55 20.22 -17.94 41.94
N LEU A 56 19.13 -18.22 41.25
CA LEU A 56 19.12 -19.21 40.18
C LEU A 56 19.23 -18.51 38.82
N ASN A 57 20.20 -18.92 38.02
CA ASN A 57 20.42 -18.31 36.71
C ASN A 57 19.72 -19.01 35.57
N ILE A 58 19.20 -18.23 34.62
CA ILE A 58 18.59 -18.79 33.40
C ILE A 58 19.12 -18.11 32.16
N VAL A 59 20.06 -18.76 31.48
CA VAL A 59 20.59 -18.22 30.23
C VAL A 59 19.83 -18.81 29.03
N ASN A 60 19.65 -17.98 28.00
CA ASN A 60 18.93 -18.37 26.79
C ASN A 60 17.78 -19.34 27.07
N ALA A 61 16.62 -18.79 27.42
CA ALA A 61 15.49 -19.61 27.85
C ALA A 61 15.03 -20.55 26.76
N LYS A 62 14.72 -21.79 27.15
CA LYS A 62 14.04 -22.74 26.29
C LYS A 62 12.64 -22.90 26.86
N PHE A 63 11.76 -23.58 26.11
CA PHE A 63 10.37 -23.76 26.52
C PHE A 63 10.22 -24.57 27.81
N GLU A 64 11.11 -25.54 28.00
CA GLU A 64 11.03 -26.43 29.14
C GLU A 64 11.43 -25.70 30.41
N ASP A 65 12.04 -24.52 30.23
CA ASP A 65 12.33 -23.63 31.35
C ASP A 65 11.04 -23.06 31.95
N SER A 66 9.91 -23.40 31.36
CA SER A 66 8.60 -23.01 31.88
C SER A 66 8.30 -23.76 33.17
N GLY A 67 7.25 -23.36 33.87
CA GLY A 67 6.74 -24.15 34.97
C GLY A 67 7.00 -23.62 36.37
N GLU A 68 6.37 -24.26 37.35
CA GLU A 68 6.47 -23.89 38.75
C GLU A 68 7.89 -23.93 39.30
N TYR A 69 8.30 -22.82 39.93
CA TYR A 69 9.59 -22.73 40.59
C TYR A 69 9.37 -22.40 42.07
N LYS A 70 10.27 -22.85 42.94
CA LYS A 70 10.22 -22.49 44.36
C LYS A 70 11.52 -22.86 45.09
N CYS A 71 11.84 -22.12 46.16
CA CYS A 71 13.09 -22.30 46.88
C CYS A 71 12.90 -22.46 48.39
N GLN A 72 13.95 -22.88 49.08
CA GLN A 72 13.89 -23.03 50.52
C GLN A 72 15.27 -23.15 51.18
N HIS A 73 15.34 -22.80 52.46
CA HIS A 73 16.52 -23.05 53.29
C HIS A 73 16.13 -23.99 54.44
N ALA A 77 12.87 -23.26 55.69
CA ALA A 77 11.47 -23.64 55.54
C ALA A 77 10.98 -23.32 54.11
N GLU A 78 10.46 -24.33 53.43
CA GLU A 78 10.08 -24.24 52.01
C GLU A 78 9.16 -23.08 51.65
N SER A 79 9.55 -22.30 50.64
CA SER A 79 8.84 -21.06 50.28
C SER A 79 8.05 -21.12 48.97
N GLU A 80 6.77 -20.75 49.02
CA GLU A 80 5.78 -20.98 47.96
C GLU A 80 6.23 -20.71 46.50
N PRO A 81 5.37 -21.04 45.50
CA PRO A 81 5.76 -21.15 44.08
C PRO A 81 5.56 -19.89 43.25
N VAL A 82 6.45 -19.66 42.28
CA VAL A 82 6.28 -18.63 41.25
C VAL A 82 6.32 -19.28 39.87
N TYR A 83 5.51 -18.80 38.93
CA TYR A 83 5.40 -19.44 37.63
C TYR A 83 5.97 -18.65 36.46
N LEU A 84 6.64 -19.36 35.56
CA LEU A 84 7.32 -18.73 34.43
C LEU A 84 6.89 -19.31 33.08
N GLU A 85 6.16 -18.53 32.30
CA GLU A 85 5.80 -18.92 30.94
C GLU A 85 6.83 -18.45 29.91
N VAL A 86 7.16 -19.32 28.96
CA VAL A 86 8.04 -18.95 27.87
C VAL A 86 7.32 -19.03 26.52
N PHE A 87 7.33 -17.93 25.77
CA PHE A 87 6.64 -17.83 24.50
C PHE A 87 7.60 -17.51 23.38
N SER A 88 7.25 -17.92 22.17
CA SER A 88 7.88 -17.38 20.96
C SER A 88 6.78 -16.73 20.15
N ASP A 89 6.97 -15.46 19.79
CA ASP A 89 5.94 -14.68 19.13
C ASP A 89 6.50 -13.31 18.74
N TRP A 90 5.63 -12.42 18.28
CA TRP A 90 6.05 -11.07 17.90
C TRP A 90 5.92 -10.06 19.05
N LEU A 91 4.77 -10.10 19.72
CA LEU A 91 4.51 -9.20 20.84
C LEU A 91 4.11 -9.97 22.09
N LEU A 92 4.86 -9.77 23.17
CA LEU A 92 4.47 -10.34 24.45
C LEU A 92 4.09 -9.24 25.43
N LEU A 93 2.84 -9.26 25.91
CA LEU A 93 2.44 -8.29 26.91
C LEU A 93 3.00 -8.74 28.24
N GLN A 94 4.17 -8.25 28.59
CA GLN A 94 4.75 -8.59 29.87
C GLN A 94 4.03 -7.81 30.96
N ALA A 95 4.06 -8.34 32.18
CA ALA A 95 3.45 -7.66 33.31
C ALA A 95 4.27 -7.85 34.57
N SER A 96 4.32 -6.81 35.39
CA SER A 96 5.02 -6.82 36.66
C SER A 96 4.50 -7.96 37.54
N ALA A 97 3.25 -7.82 37.98
CA ALA A 97 2.59 -8.86 38.77
C ALA A 97 1.18 -9.10 38.22
N GLU A 98 0.71 -10.34 38.29
CA GLU A 98 -0.60 -10.69 37.75
C GLU A 98 -1.70 -10.38 38.77
N VAL A 99 -1.31 -10.36 40.03
CA VAL A 99 -2.20 -9.93 41.10
C VAL A 99 -1.44 -8.95 42.01
N VAL A 100 -2.06 -7.81 42.27
CA VAL A 100 -1.47 -6.78 43.12
C VAL A 100 -2.42 -6.35 44.22
N MET A 101 -1.87 -5.75 45.27
CA MET A 101 -2.67 -5.16 46.33
C MET A 101 -2.58 -3.64 46.26
N GLU A 102 -3.74 -2.98 46.28
CA GLU A 102 -3.86 -1.53 46.17
C GLU A 102 -2.61 -0.78 46.59
N GLY A 103 -2.25 0.26 45.84
CA GLY A 103 -1.14 1.13 46.22
C GLY A 103 0.23 0.56 45.94
N GLN A 104 0.29 -0.73 45.62
CA GLN A 104 1.56 -1.34 45.23
C GLN A 104 1.88 -1.01 43.78
N PRO A 105 3.17 -1.02 43.42
CA PRO A 105 3.57 -0.77 42.03
C PRO A 105 3.16 -1.87 41.05
N LEU A 106 2.69 -1.42 39.89
CA LEU A 106 2.34 -2.29 38.78
C LEU A 106 2.97 -1.75 37.49
N PHE A 107 3.79 -2.56 36.82
CA PHE A 107 4.39 -2.15 35.56
C PHE A 107 3.84 -2.99 34.42
N LEU A 108 3.42 -2.34 33.35
CA LEU A 108 3.01 -3.05 32.15
C LEU A 108 3.95 -2.71 31.01
N ARG A 109 4.13 -3.67 30.11
CA ARG A 109 5.17 -3.58 29.12
C ARG A 109 4.83 -4.39 27.86
N CYS A 110 4.68 -3.69 26.74
CA CYS A 110 4.38 -4.36 25.48
C CYS A 110 5.69 -4.71 24.82
N HIS A 111 6.10 -5.97 24.95
CA HIS A 111 7.44 -6.40 24.59
C HIS A 111 7.48 -7.04 23.21
N GLY A 112 8.54 -6.76 22.46
CA GLY A 112 8.64 -7.26 21.10
C GLY A 112 9.79 -8.23 20.90
N TRP A 113 9.57 -9.21 20.02
CA TRP A 113 10.57 -10.22 19.70
C TRP A 113 12.00 -9.69 19.54
N ARG A 114 12.88 -10.07 20.46
CA ARG A 114 14.31 -9.78 20.36
C ARG A 114 14.65 -8.29 20.40
N ASN A 115 15.55 -7.88 19.51
CA ASN A 115 15.93 -6.48 19.37
C ASN A 115 14.95 -5.77 18.42
N TRP A 116 13.88 -6.46 18.05
CA TRP A 116 12.89 -5.91 17.11
C TRP A 116 12.14 -4.71 17.70
N ASP A 117 11.76 -3.77 16.83
CA ASP A 117 11.15 -2.52 17.25
C ASP A 117 9.65 -2.51 17.03
N VAL A 118 8.90 -2.37 18.12
CA VAL A 118 7.45 -2.28 18.05
C VAL A 118 7.00 -0.81 18.00
N TYR A 119 6.28 -0.45 16.94
CA TYR A 119 5.81 0.92 16.76
C TYR A 119 4.31 1.03 16.91
N LYS A 120 3.81 2.26 16.87
CA LYS A 120 2.39 2.58 17.00
C LYS A 120 1.68 1.72 18.04
N VAL A 121 2.30 1.66 19.22
CA VAL A 121 1.85 0.81 20.32
C VAL A 121 0.69 1.41 21.08
N ILE A 122 -0.38 0.63 21.25
CA ILE A 122 -1.57 1.05 21.96
C ILE A 122 -1.91 0.00 22.99
N TYR A 123 -2.10 0.40 24.24
CA TYR A 123 -2.58 -0.54 25.24
C TYR A 123 -4.11 -0.52 25.33
N TYR A 124 -4.70 -1.69 25.51
CA TYR A 124 -6.13 -1.83 25.71
C TYR A 124 -6.37 -2.43 27.09
N LYS A 125 -7.27 -1.81 27.86
CA LYS A 125 -7.70 -2.37 29.15
C LYS A 125 -9.18 -2.64 29.10
N ASP A 126 -9.56 -3.91 29.04
CA ASP A 126 -10.97 -4.32 29.04
C ASP A 126 -11.70 -3.92 27.76
N GLY A 127 -10.94 -3.62 26.70
CA GLY A 127 -11.55 -3.25 25.44
C GLY A 127 -11.23 -1.85 24.95
N GLU A 128 -11.05 -0.90 25.87
CA GLU A 128 -10.83 0.50 25.50
C GLU A 128 -9.35 0.86 25.27
N ALA A 129 -9.13 1.90 24.47
CA ALA A 129 -7.77 2.38 24.18
C ALA A 129 -7.18 3.16 25.36
N LEU A 130 -6.32 2.49 26.11
CA LEU A 130 -5.73 3.05 27.32
C LEU A 130 -4.74 4.16 26.97
N LYS A 131 -3.77 3.85 26.10
CA LYS A 131 -2.86 4.87 25.56
C LYS A 131 -2.26 4.50 24.21
N TYR A 132 -1.98 5.51 23.39
CA TYR A 132 -1.28 5.29 22.13
C TYR A 132 -0.07 6.19 22.04
N TRP A 133 1.03 5.64 21.52
CA TRP A 133 2.19 6.46 21.25
C TRP A 133 2.90 6.03 19.96
N TYR A 134 3.62 6.95 19.35
CA TYR A 134 4.26 6.72 18.07
C TYR A 134 5.22 5.57 18.18
N GLU A 135 6.09 5.65 19.17
CA GLU A 135 7.04 4.59 19.43
C GLU A 135 6.52 3.81 20.61
N ASN A 136 7.29 2.83 21.07
CA ASN A 136 6.86 2.01 22.18
C ASN A 136 6.91 2.75 23.50
N HIS A 137 6.00 2.39 24.39
CA HIS A 137 5.89 2.98 25.72
C HIS A 137 5.43 1.93 26.75
N ALA A 138 5.51 2.26 28.04
CA ALA A 138 5.13 1.32 29.08
C ALA A 138 4.22 1.99 30.11
N ILE A 139 3.41 1.19 30.79
CA ILE A 139 2.57 1.70 31.85
C ILE A 139 3.27 1.55 33.18
N SER A 140 3.17 2.55 34.04
CA SER A 140 3.77 2.47 35.37
C SER A 140 2.90 3.15 36.43
N ILE A 141 2.34 2.37 37.34
CA ILE A 141 1.54 2.93 38.42
C ILE A 141 2.16 2.67 39.79
N THR A 142 2.55 3.73 40.47
CA THR A 142 3.12 3.60 41.81
C THR A 142 2.00 3.41 42.83
N ASN A 143 0.78 3.80 42.47
CA ASN A 143 -0.36 3.68 43.36
C ASN A 143 -1.47 2.81 42.78
N ALA A 144 -1.17 1.52 42.60
CA ALA A 144 -2.11 0.59 41.98
C ALA A 144 -3.53 0.81 42.47
N ALA A 145 -4.36 1.43 41.64
CA ALA A 145 -5.75 1.70 41.98
C ALA A 145 -6.61 0.44 41.87
N ALA A 146 -7.36 0.14 42.93
CA ALA A 146 -8.16 -1.07 42.98
C ALA A 146 -9.01 -1.28 41.73
N GLU A 147 -9.35 -0.18 41.06
CA GLU A 147 -10.19 -0.24 39.88
C GLU A 147 -9.43 -0.63 38.62
N ASP A 148 -8.12 -0.86 38.76
CA ASP A 148 -7.26 -1.20 37.63
C ASP A 148 -7.44 -2.62 37.12
N SER A 149 -7.95 -3.50 37.97
CA SER A 149 -8.26 -4.86 37.55
C SER A 149 -8.96 -4.83 36.20
N GLY A 150 -8.33 -5.47 35.21
CA GLY A 150 -8.93 -5.58 33.90
C GLY A 150 -8.21 -6.61 33.06
N THR A 151 -8.79 -6.95 31.91
CA THR A 151 -8.08 -7.77 30.94
C THR A 151 -7.37 -6.84 29.96
N TYR A 152 -6.04 -6.93 29.96
CA TYR A 152 -5.19 -6.07 29.17
C TYR A 152 -4.70 -6.78 27.92
N TYR A 153 -4.34 -6.00 26.90
CA TYR A 153 -3.60 -6.51 25.74
C TYR A 153 -3.07 -5.31 24.97
N CYS A 154 -2.03 -5.50 24.16
CA CYS A 154 -1.41 -4.38 23.45
C CYS A 154 -1.24 -4.57 21.95
N THR A 155 -1.53 -3.51 21.19
CA THR A 155 -1.38 -3.53 19.74
C THR A 155 -0.08 -2.88 19.31
N GLY A 156 0.61 -3.52 18.38
CA GLY A 156 1.88 -3.01 17.90
C GLY A 156 2.09 -3.17 16.40
N LYS A 157 3.20 -2.65 15.92
CA LYS A 157 3.52 -2.69 14.52
C LYS A 157 4.97 -3.11 14.39
N VAL A 158 5.22 -4.30 13.85
CA VAL A 158 6.59 -4.79 13.74
C VAL A 158 6.97 -5.03 12.28
N TRP A 159 8.03 -4.33 11.85
CA TRP A 159 8.50 -4.38 10.47
C TRP A 159 7.40 -3.97 9.50
N GLN A 160 6.64 -2.96 9.89
CA GLN A 160 5.54 -2.43 9.07
C GLN A 160 4.24 -3.25 9.18
N LEU A 161 4.26 -4.39 9.87
CA LEU A 161 3.08 -5.25 9.93
C LEU A 161 2.37 -5.25 11.28
N ASP A 162 1.07 -5.58 11.27
CA ASP A 162 0.24 -5.48 12.49
C ASP A 162 0.24 -6.72 13.37
N TYR A 163 0.29 -6.49 14.68
CA TYR A 163 0.32 -7.58 15.66
C TYR A 163 -0.48 -7.20 16.91
N GLU A 164 -1.38 -8.09 17.33
CA GLU A 164 -2.05 -7.95 18.62
C GLU A 164 -1.41 -8.90 19.62
N SER A 165 -1.19 -8.41 20.83
CA SER A 165 -0.58 -9.21 21.88
C SER A 165 -1.59 -10.19 22.49
N GLU A 166 -1.08 -11.27 23.10
CA GLU A 166 -1.95 -12.18 23.83
C GLU A 166 -2.51 -11.44 25.05
N PRO A 167 -3.79 -11.66 25.37
CA PRO A 167 -4.42 -10.92 26.46
C PRO A 167 -3.85 -11.38 27.78
N LEU A 168 -3.89 -10.50 28.77
CA LEU A 168 -3.37 -10.81 30.10
C LEU A 168 -4.32 -10.25 31.15
N ASN A 169 -4.85 -11.14 31.99
CA ASN A 169 -5.74 -10.73 33.07
C ASN A 169 -4.93 -10.24 34.27
N ILE A 170 -5.34 -9.10 34.82
CA ILE A 170 -4.68 -8.48 35.97
C ILE A 170 -5.71 -8.02 37.00
N THR A 171 -5.41 -8.22 38.28
CA THR A 171 -6.39 -7.90 39.33
C THR A 171 -5.77 -7.36 40.64
N VAL A 172 -6.22 -6.17 41.04
CA VAL A 172 -5.81 -5.55 42.29
C VAL A 172 -6.70 -6.04 43.44
N ILE A 173 -6.21 -5.92 44.67
CA ILE A 173 -6.98 -6.35 45.84
C ILE A 173 -6.99 -5.35 47.00
N LYS A 174 -8.11 -4.67 47.18
CA LYS A 174 -8.28 -3.74 48.29
C LYS A 174 -8.65 -4.52 49.55
N ALA A 175 -7.92 -4.28 50.63
CA ALA A 175 -8.07 -5.08 51.85
C ALA A 175 -8.09 -4.25 53.14
N PRO A 176 -9.19 -4.33 53.89
CA PRO A 176 -9.29 -3.75 55.25
C PRO A 176 -8.46 -4.56 56.24
N PHE B 8 13.49 38.83 -24.47
CA PHE B 8 14.21 38.16 -23.39
C PHE B 8 13.31 37.20 -22.62
N THR B 9 13.06 36.02 -23.19
CA THR B 9 12.26 34.99 -22.52
C THR B 9 13.03 34.36 -21.36
N PRO B 10 12.40 34.31 -20.18
CA PRO B 10 12.99 33.78 -18.94
C PRO B 10 13.13 32.26 -18.95
N PRO B 11 14.27 31.76 -18.45
CA PRO B 11 14.53 30.31 -18.45
C PRO B 11 13.72 29.63 -17.37
N THR B 12 13.39 28.37 -17.58
CA THR B 12 12.74 27.58 -16.55
C THR B 12 13.80 26.70 -15.90
N VAL B 13 13.88 26.73 -14.58
CA VAL B 13 14.94 26.01 -13.87
C VAL B 13 14.42 24.89 -12.99
N LYS B 14 14.91 23.67 -13.22
CA LYS B 14 14.56 22.54 -12.36
C LYS B 14 15.73 21.60 -12.13
N ILE B 15 15.75 20.98 -10.96
CA ILE B 15 16.77 19.99 -10.62
C ILE B 15 16.20 18.58 -10.67
N LEU B 16 16.85 17.70 -11.43
CA LEU B 16 16.58 16.27 -11.39
C LEU B 16 17.68 15.61 -10.58
N GLN B 17 17.35 14.59 -9.80
CA GLN B 17 18.38 13.91 -9.03
C GLN B 17 18.51 12.44 -9.42
N SER B 18 19.54 11.80 -8.87
CA SER B 18 19.69 10.37 -8.95
C SER B 18 18.47 9.70 -8.34
N SER B 19 17.97 8.67 -9.01
CA SER B 19 16.88 7.86 -8.46
C SER B 19 17.42 6.92 -7.38
N CYS B 20 16.53 6.18 -6.73
CA CYS B 20 16.97 5.25 -5.70
C CYS B 20 16.86 3.80 -6.15
N ASP B 21 17.63 2.93 -5.47
CA ASP B 21 17.54 1.48 -5.66
C ASP B 21 16.09 1.09 -5.83
N GLY B 22 15.85 -0.05 -6.47
CA GLY B 22 14.49 -0.55 -6.58
C GLY B 22 13.90 -0.65 -5.19
N GLY B 23 14.79 -0.72 -4.19
CA GLY B 23 14.40 -0.80 -2.79
C GLY B 23 14.62 0.50 -2.08
N GLY B 24 14.50 1.60 -2.81
CA GLY B 24 14.62 2.93 -2.24
C GLY B 24 15.90 3.07 -1.45
N HIS B 25 17.01 2.60 -2.00
CA HIS B 25 18.29 2.77 -1.34
C HIS B 25 19.10 3.85 -2.04
N PHE B 26 19.93 4.54 -1.27
CA PHE B 26 20.70 5.65 -1.82
C PHE B 26 21.95 5.21 -2.55
N PRO B 27 22.17 5.81 -3.73
CA PRO B 27 23.37 5.63 -4.53
C PRO B 27 24.59 5.87 -3.66
N PRO B 28 25.74 5.35 -4.08
CA PRO B 28 26.98 5.74 -3.40
C PRO B 28 27.18 7.25 -3.53
N THR B 29 26.76 7.79 -4.67
CA THR B 29 26.94 9.20 -4.99
C THR B 29 25.68 9.75 -5.67
N ILE B 30 25.26 10.94 -5.27
CA ILE B 30 24.02 11.52 -5.79
C ILE B 30 24.23 12.65 -6.80
N GLN B 31 23.87 12.40 -8.04
CA GLN B 31 23.96 13.45 -9.03
C GLN B 31 22.79 14.43 -8.94
N LEU B 32 23.11 15.72 -9.00
CA LEU B 32 22.10 16.75 -9.13
C LEU B 32 22.23 17.35 -10.53
N LEU B 33 21.12 17.34 -11.26
CA LEU B 33 21.12 17.87 -12.61
C LEU B 33 20.31 19.15 -12.63
N CYS B 34 20.92 20.24 -13.08
CA CYS B 34 20.20 21.49 -13.21
C CYS B 34 19.80 21.75 -14.65
N LEU B 35 18.50 21.66 -14.90
CA LEU B 35 17.96 21.88 -16.24
C LEU B 35 17.49 23.31 -16.39
N VAL B 36 18.23 24.08 -17.17
CA VAL B 36 17.83 25.42 -17.55
C VAL B 36 17.40 25.37 -19.00
N SER B 37 16.13 25.65 -19.25
CA SER B 37 15.54 25.34 -20.55
C SER B 37 14.51 26.36 -20.97
N GLY B 38 14.53 26.73 -22.25
CA GLY B 38 13.49 27.57 -22.81
C GLY B 38 13.72 29.05 -22.62
N TYR B 39 14.91 29.51 -22.99
CA TYR B 39 15.28 30.91 -22.83
C TYR B 39 15.82 31.48 -24.12
N THR B 40 15.72 32.80 -24.24
CA THR B 40 16.25 33.51 -25.40
C THR B 40 17.78 33.43 -25.42
N PRO B 41 18.32 32.79 -26.47
CA PRO B 41 19.76 32.59 -26.64
C PRO B 41 20.57 33.79 -26.18
N GLY B 42 21.36 33.60 -25.11
CA GLY B 42 22.18 34.65 -24.55
C GLY B 42 23.33 34.10 -23.74
N THR B 43 23.74 34.83 -22.70
CA THR B 43 24.80 34.36 -21.83
C THR B 43 24.25 33.96 -20.48
N ILE B 44 24.11 32.65 -20.26
CA ILE B 44 23.62 32.13 -18.99
C ILE B 44 24.79 31.57 -18.17
N GLN B 45 24.74 31.75 -16.85
CA GLN B 45 25.73 31.13 -15.98
C GLN B 45 25.06 30.49 -14.75
N ILE B 46 25.47 29.28 -14.43
CA ILE B 46 24.88 28.54 -13.32
C ILE B 46 25.83 28.41 -12.13
N THR B 47 25.47 29.10 -11.06
CA THR B 47 26.19 29.05 -9.81
C THR B 47 25.56 27.98 -8.93
N TRP B 48 26.38 27.12 -8.34
CA TRP B 48 25.90 26.10 -7.42
C TRP B 48 26.21 26.52 -5.99
N LEU B 49 25.22 26.39 -5.10
CA LEU B 49 25.35 26.90 -3.74
C LEU B 49 25.06 25.84 -2.70
N GLU B 50 26.10 25.31 -2.07
CA GLU B 50 25.86 24.42 -0.95
C GLU B 50 25.50 25.20 0.30
N ASP B 51 24.23 25.15 0.66
CA ASP B 51 23.74 25.78 1.89
C ASP B 51 24.24 27.22 2.00
N GLY B 52 24.21 27.94 0.88
CA GLY B 52 24.55 29.35 0.89
C GLY B 52 25.97 29.70 0.48
N GLN B 53 26.82 28.70 0.25
CA GLN B 53 28.20 28.98 -0.18
C GLN B 53 28.49 28.39 -1.58
N VAL B 54 29.19 29.16 -2.41
CA VAL B 54 29.45 28.73 -3.79
C VAL B 54 30.26 27.46 -3.82
N MET B 55 29.84 26.51 -4.65
CA MET B 55 30.54 25.24 -4.78
C MET B 55 31.09 25.06 -6.17
N ASP B 56 30.38 25.60 -7.15
CA ASP B 56 30.85 25.58 -8.53
C ASP B 56 30.20 26.69 -9.32
N VAL B 57 30.80 26.99 -10.46
CA VAL B 57 30.26 27.96 -11.39
C VAL B 57 30.44 27.43 -12.81
N ASP B 58 29.49 27.74 -13.69
CA ASP B 58 29.57 27.33 -15.09
C ASP B 58 28.89 28.38 -15.95
N LEU B 59 29.51 28.72 -17.07
CA LEU B 59 28.96 29.74 -17.95
C LEU B 59 28.96 29.26 -19.39
N SER B 60 27.84 29.46 -20.07
CA SER B 60 27.72 29.09 -21.47
C SER B 60 27.12 30.25 -22.30
N THR B 61 27.58 30.38 -23.54
CA THR B 61 27.07 31.42 -24.43
C THR B 61 26.66 30.83 -25.78
N LEU B 70 15.60 30.02 -28.73
CA LEU B 70 15.05 29.37 -27.55
C LEU B 70 15.86 28.10 -27.25
N ALA B 71 17.04 28.29 -26.67
CA ALA B 71 17.94 27.18 -26.36
C ALA B 71 17.77 26.66 -24.93
N SER B 72 18.78 25.93 -24.47
CA SER B 72 18.77 25.37 -23.12
C SER B 72 20.19 24.98 -22.74
N THR B 73 20.38 24.69 -21.46
CA THR B 73 21.67 24.24 -20.96
C THR B 73 21.48 23.44 -19.68
N GLN B 74 22.52 22.71 -19.29
CA GLN B 74 22.49 21.85 -18.11
C GLN B 74 23.76 22.07 -17.30
N SER B 75 23.70 21.87 -15.99
CA SER B 75 24.92 21.84 -15.18
C SER B 75 24.80 20.84 -14.04
N GLU B 76 25.63 19.81 -14.04
CA GLU B 76 25.51 18.74 -13.06
C GLU B 76 26.47 18.89 -11.91
N LEU B 77 25.96 18.66 -10.70
CA LEU B 77 26.74 18.69 -9.48
C LEU B 77 26.57 17.35 -8.78
N THR B 78 27.66 16.80 -8.24
CA THR B 78 27.62 15.48 -7.65
C THR B 78 27.90 15.56 -6.16
N LEU B 79 27.46 14.57 -5.40
CA LEU B 79 27.53 14.64 -3.95
C LEU B 79 27.80 13.28 -3.32
N SER B 80 28.54 13.28 -2.21
CA SER B 80 28.75 12.08 -1.42
C SER B 80 27.39 11.64 -0.93
N GLN B 81 27.21 10.33 -0.73
CA GLN B 81 25.95 9.86 -0.18
C GLN B 81 25.77 10.44 1.23
N LYS B 82 26.89 10.60 1.92
CA LYS B 82 26.89 11.13 3.29
C LYS B 82 26.63 12.63 3.29
N HIS B 83 27.28 13.32 2.37
CA HIS B 83 27.14 14.77 2.22
C HIS B 83 25.67 15.12 1.99
N TRP B 84 25.03 14.34 1.12
CA TRP B 84 23.63 14.52 0.77
C TRP B 84 22.75 14.25 1.96
N LEU B 85 23.02 13.13 2.64
CA LEU B 85 22.26 12.73 3.83
C LEU B 85 22.53 13.68 4.98
N SER B 86 23.47 14.60 4.77
CA SER B 86 23.76 15.62 5.77
C SER B 86 22.62 16.62 5.79
N ASP B 87 21.67 16.44 4.90
CA ASP B 87 20.50 17.31 4.83
C ASP B 87 20.92 18.76 4.63
N ARG B 88 21.88 18.96 3.72
CA ARG B 88 22.29 20.30 3.34
C ARG B 88 21.46 20.73 2.15
N THR B 89 21.28 22.04 2.00
CA THR B 89 20.39 22.57 0.98
C THR B 89 21.13 23.15 -0.21
N TYR B 90 20.97 22.50 -1.36
CA TYR B 90 21.70 22.87 -2.55
C TYR B 90 20.88 23.74 -3.48
N THR B 91 21.49 24.83 -3.95
CA THR B 91 20.80 25.82 -4.78
C THR B 91 21.45 25.95 -6.15
N CYS B 92 20.62 25.83 -7.19
CA CYS B 92 21.07 26.04 -8.56
C CYS B 92 20.68 27.44 -8.98
N GLN B 93 21.68 28.30 -9.14
CA GLN B 93 21.43 29.73 -9.30
C GLN B 93 21.76 30.24 -10.69
N VAL B 94 20.77 30.26 -11.58
CA VAL B 94 20.95 30.79 -12.93
C VAL B 94 20.90 32.31 -12.94
N THR B 95 21.94 32.92 -13.50
CA THR B 95 21.97 34.36 -13.72
C THR B 95 21.97 34.64 -15.23
N TYR B 96 20.86 35.15 -15.74
CA TYR B 96 20.65 35.32 -17.19
C TYR B 96 20.10 36.70 -17.54
N GLN B 97 20.62 37.25 -18.64
CA GLN B 97 20.27 38.59 -19.07
C GLN B 97 20.09 39.51 -17.86
N GLY B 98 21.08 39.48 -16.96
CA GLY B 98 21.09 40.28 -15.74
C GLY B 98 19.91 40.10 -14.81
N HIS B 99 19.57 38.85 -14.46
CA HIS B 99 18.47 38.59 -13.55
C HIS B 99 18.52 37.16 -13.02
N THR B 100 18.49 37.01 -11.69
CA THR B 100 18.60 35.69 -11.07
C THR B 100 17.35 34.81 -11.15
N PHE B 101 17.57 33.53 -11.38
CA PHE B 101 16.54 32.51 -11.30
C PHE B 101 17.12 31.37 -10.50
N GLU B 102 16.30 30.65 -9.76
CA GLU B 102 16.86 29.57 -8.99
C GLU B 102 15.87 28.50 -8.57
N ASP B 103 16.43 27.36 -8.20
CA ASP B 103 15.68 26.24 -7.68
C ASP B 103 16.57 25.64 -6.61
N SER B 104 15.95 25.07 -5.59
CA SER B 104 16.73 24.46 -4.52
C SER B 104 16.21 23.08 -4.18
N THR B 105 16.99 22.38 -3.37
CA THR B 105 16.63 21.03 -2.97
C THR B 105 17.49 20.55 -1.82
N LYS B 106 16.99 19.55 -1.10
CA LYS B 106 17.76 18.83 -0.09
C LYS B 106 17.21 17.41 -0.04
N LYS B 107 17.86 16.53 0.71
CA LYS B 107 17.35 15.18 0.87
C LYS B 107 15.89 15.25 1.33
N CYS B 108 14.99 14.58 0.62
CA CYS B 108 13.57 14.66 0.96
C CYS B 108 13.31 14.28 2.41
N ALA B 109 12.72 15.17 3.19
CA ALA B 109 12.53 14.89 4.60
C ALA B 109 11.64 13.66 4.76
N ASP B 110 11.74 12.99 5.91
CA ASP B 110 10.90 11.83 6.17
C ASP B 110 9.44 12.22 6.01
N SER B 111 8.73 11.50 5.15
CA SER B 111 7.35 11.85 4.86
C SER B 111 6.36 11.24 5.85
N ASN B 112 6.75 10.18 6.54
CA ASN B 112 5.91 9.64 7.59
C ASN B 112 6.58 9.80 8.94
N PRO B 113 6.73 11.06 9.38
CA PRO B 113 7.47 11.33 10.62
C PRO B 113 6.78 10.65 11.78
N ARG B 114 7.54 9.95 12.60
CA ARG B 114 6.99 9.27 13.78
C ARG B 114 5.80 8.41 13.40
N GLY B 115 5.58 8.23 12.10
CA GLY B 115 4.55 7.34 11.62
C GLY B 115 3.27 8.04 11.23
N VAL B 116 3.23 9.36 11.33
CA VAL B 116 2.03 10.07 10.95
C VAL B 116 1.79 9.95 9.45
N SER B 117 0.55 10.14 9.04
CA SER B 117 0.25 10.10 7.62
C SER B 117 -0.63 11.27 7.26
N ALA B 118 -0.43 11.82 6.07
CA ALA B 118 -1.20 12.96 5.62
C ALA B 118 -1.60 12.79 4.17
N TYR B 119 -2.90 12.73 3.90
CA TYR B 119 -3.41 12.53 2.56
C TYR B 119 -4.11 13.77 2.07
N LEU B 120 -4.11 13.99 0.76
CA LEU B 120 -4.60 15.24 0.19
C LEU B 120 -5.35 14.97 -1.10
N SER B 121 -6.67 15.12 -1.05
CA SER B 121 -7.57 14.69 -2.12
C SER B 121 -7.60 15.62 -3.34
N ARG B 122 -7.95 15.05 -4.49
CA ARG B 122 -8.28 15.84 -5.67
C ARG B 122 -9.79 16.03 -5.70
N PRO B 123 -10.26 17.11 -6.34
CA PRO B 123 -11.69 17.37 -6.46
C PRO B 123 -12.42 16.34 -7.33
N SER B 124 -13.68 16.09 -7.01
CA SER B 124 -14.57 15.28 -7.84
C SER B 124 -14.75 15.97 -9.19
N PRO B 125 -14.69 15.22 -10.29
CA PRO B 125 -15.02 15.82 -11.59
C PRO B 125 -16.46 16.32 -11.60
N PHE B 126 -17.29 15.74 -10.74
CA PHE B 126 -18.64 16.21 -10.51
C PHE B 126 -18.60 17.48 -9.66
N ASP B 127 -17.96 17.38 -8.50
CA ASP B 127 -17.74 18.54 -7.62
C ASP B 127 -17.18 19.73 -8.40
N LEU B 128 -16.61 19.44 -9.56
CA LEU B 128 -15.75 20.39 -10.25
C LEU B 128 -16.44 21.07 -11.42
N PHE B 129 -17.35 20.35 -12.08
CA PHE B 129 -18.01 20.87 -13.27
C PHE B 129 -19.53 21.00 -13.08
N ILE B 130 -20.17 19.90 -12.69
CA ILE B 130 -21.58 19.95 -12.32
C ILE B 130 -21.78 20.94 -11.17
N ARG B 131 -21.54 20.48 -9.93
CA ARG B 131 -21.72 21.29 -8.73
C ARG B 131 -20.91 22.59 -8.76
N LYS B 132 -19.90 22.65 -9.61
CA LYS B 132 -19.01 23.82 -9.71
C LYS B 132 -18.62 24.42 -8.35
N SER B 133 -18.32 23.56 -7.39
CA SER B 133 -17.90 23.99 -6.05
C SER B 133 -16.81 23.06 -5.50
N PRO B 134 -15.61 23.13 -6.10
CA PRO B 134 -14.50 22.20 -5.85
C PRO B 134 -13.93 22.31 -4.45
N THR B 135 -13.58 21.18 -3.85
CA THR B 135 -12.91 21.18 -2.55
C THR B 135 -11.85 20.10 -2.45
N ILE B 136 -10.62 20.51 -2.15
CA ILE B 136 -9.57 19.57 -1.79
C ILE B 136 -9.51 19.41 -0.27
N THR B 137 -9.13 18.22 0.19
CA THR B 137 -9.13 17.96 1.62
C THR B 137 -7.85 17.33 2.10
N CYS B 138 -7.25 17.93 3.11
CA CYS B 138 -6.00 17.43 3.69
C CYS B 138 -6.29 16.66 4.95
N LEU B 139 -5.97 15.37 4.92
CA LEU B 139 -6.24 14.49 6.05
C LEU B 139 -4.94 14.10 6.75
N VAL B 140 -4.98 14.07 8.09
CA VAL B 140 -3.82 13.67 8.87
C VAL B 140 -4.22 12.66 9.93
N VAL B 141 -3.63 11.48 9.89
CA VAL B 141 -4.04 10.40 10.78
C VAL B 141 -2.94 9.90 11.72
N ASP B 142 -3.31 9.02 12.63
CA ASP B 142 -2.35 8.43 13.55
C ASP B 142 -1.57 9.43 14.39
N LEU B 143 -2.21 10.53 14.76
CA LEU B 143 -1.57 11.50 15.64
C LEU B 143 -1.75 11.11 17.09
N ALA B 144 -0.74 11.38 17.91
CA ALA B 144 -0.90 11.22 19.34
C ALA B 144 -1.78 12.36 19.84
N PRO B 145 -2.77 12.04 20.70
CA PRO B 145 -3.78 13.04 21.06
C PRO B 145 -3.18 14.25 21.78
N SER B 146 -3.51 15.43 21.27
CA SER B 146 -3.10 16.69 21.87
C SER B 146 -4.24 17.68 21.73
N LYS B 147 -4.00 18.91 22.17
CA LYS B 147 -5.02 19.96 22.07
C LYS B 147 -4.64 21.01 21.02
N GLY B 148 -4.71 22.28 21.41
CA GLY B 148 -4.42 23.38 20.50
C GLY B 148 -2.98 23.45 20.06
N THR B 149 -2.33 22.28 19.94
CA THR B 149 -0.96 22.19 19.47
C THR B 149 -0.90 22.06 17.94
N VAL B 150 -1.90 21.41 17.35
CA VAL B 150 -1.90 21.04 15.94
C VAL B 150 -2.33 22.13 14.97
N GLN B 151 -1.38 22.64 14.19
CA GLN B 151 -1.67 23.68 13.20
C GLN B 151 -1.71 23.14 11.76
N LEU B 152 -2.78 23.45 11.04
CA LEU B 152 -2.89 23.10 9.63
C LEU B 152 -3.03 24.36 8.78
N THR B 153 -2.29 24.42 7.67
CA THR B 153 -2.14 25.66 6.90
C THR B 153 -2.12 25.46 5.40
N TRP B 154 -3.03 26.12 4.69
CA TRP B 154 -3.09 26.04 3.23
C TRP B 154 -2.26 27.12 2.53
N SER B 155 -1.84 26.84 1.30
CA SER B 155 -1.10 27.81 0.50
C SER B 155 -1.12 27.44 -0.98
N ARG B 156 -1.25 28.44 -1.84
CA ARG B 156 -1.26 28.19 -3.27
C ARG B 156 0.13 28.39 -3.83
N ALA B 157 0.56 27.45 -4.68
CA ALA B 157 1.89 27.51 -5.28
C ALA B 157 2.18 28.89 -5.86
N SER B 158 1.21 29.45 -6.58
CA SER B 158 1.35 30.74 -7.22
C SER B 158 1.82 31.83 -6.24
N GLY B 159 1.30 31.77 -5.01
CA GLY B 159 1.50 32.82 -4.04
C GLY B 159 0.19 33.58 -3.89
N LYS B 160 -0.79 33.20 -4.71
CA LYS B 160 -2.13 33.78 -4.63
C LYS B 160 -2.61 33.68 -3.19
N PRO B 161 -3.58 34.52 -2.82
CA PRO B 161 -3.96 34.53 -1.41
C PRO B 161 -4.76 33.29 -1.07
N VAL B 162 -4.92 33.00 0.21
CA VAL B 162 -5.78 31.90 0.63
C VAL B 162 -6.46 32.23 1.96
N ASN B 163 -7.78 32.05 1.97
CA ASN B 163 -8.57 32.20 3.19
C ASN B 163 -9.69 31.16 3.22
N HIS B 164 -10.39 31.07 4.34
CA HIS B 164 -11.54 30.18 4.46
C HIS B 164 -11.12 28.71 4.38
N SER B 165 -10.79 28.13 5.52
CA SER B 165 -10.55 26.68 5.58
C SER B 165 -11.04 26.08 6.88
N THR B 166 -11.65 24.91 6.77
CA THR B 166 -12.12 24.10 7.90
C THR B 166 -10.96 23.67 8.80
N ARG B 167 -11.29 23.25 10.03
CA ARG B 167 -10.32 22.56 10.86
C ARG B 167 -11.07 21.64 11.82
N LYS B 168 -10.82 20.34 11.71
CA LYS B 168 -11.52 19.35 12.52
C LYS B 168 -10.52 18.50 13.27
N GLU B 169 -10.38 18.73 14.58
CA GLU B 169 -9.45 17.94 15.38
C GLU B 169 -10.23 16.93 16.21
N GLU B 170 -10.65 15.85 15.57
CA GLU B 170 -11.52 14.87 16.19
C GLU B 170 -10.75 13.60 16.59
N LYS B 171 -11.24 12.89 17.61
CA LYS B 171 -10.47 11.85 18.27
C LYS B 171 -10.99 10.44 17.99
N GLN B 172 -10.12 9.59 17.45
CA GLN B 172 -10.53 8.26 16.97
C GLN B 172 -10.61 7.19 18.05
N ARG B 173 -11.16 6.03 17.65
CA ARG B 173 -11.51 4.95 18.55
C ARG B 173 -10.28 4.27 19.15
N ASN B 174 -9.24 4.13 18.32
CA ASN B 174 -8.02 3.43 18.70
C ASN B 174 -7.00 4.28 19.46
N GLY B 175 -7.43 5.40 20.01
CA GLY B 175 -6.55 6.25 20.78
C GLY B 175 -5.81 7.35 20.03
N THR B 176 -6.00 7.44 18.72
CA THR B 176 -5.31 8.46 17.93
C THR B 176 -6.15 9.68 17.58
N LEU B 177 -5.43 10.76 17.23
CA LEU B 177 -6.01 12.02 16.80
C LEU B 177 -6.05 12.06 15.28
N THR B 178 -7.20 12.42 14.71
CA THR B 178 -7.33 12.52 13.26
C THR B 178 -7.84 13.90 12.81
N VAL B 179 -6.91 14.75 12.40
CA VAL B 179 -7.22 16.13 12.03
C VAL B 179 -7.54 16.33 10.54
N THR B 180 -8.64 17.04 10.26
CA THR B 180 -9.08 17.32 8.91
C THR B 180 -9.08 18.83 8.65
N SER B 181 -8.93 19.23 7.40
CA SER B 181 -9.13 20.63 7.02
C SER B 181 -9.52 20.74 5.54
N THR B 182 -10.81 20.89 5.26
CA THR B 182 -11.25 20.97 3.87
C THR B 182 -11.22 22.40 3.33
N LEU B 183 -10.45 22.58 2.25
CA LEU B 183 -10.31 23.89 1.64
C LEU B 183 -11.06 23.96 0.32
N PRO B 184 -11.82 25.04 0.10
CA PRO B 184 -12.57 25.29 -1.13
C PRO B 184 -11.66 25.85 -2.22
N VAL B 185 -11.84 25.40 -3.45
CA VAL B 185 -10.93 25.75 -4.54
C VAL B 185 -11.66 26.19 -5.81
N GLY B 186 -11.08 27.17 -6.50
CA GLY B 186 -11.67 27.71 -7.70
C GLY B 186 -11.45 26.83 -8.92
N THR B 187 -12.53 26.43 -9.56
CA THR B 187 -12.47 25.60 -10.75
C THR B 187 -11.43 26.10 -11.75
N ARG B 188 -11.53 27.37 -12.13
CA ARG B 188 -10.57 27.95 -13.06
C ARG B 188 -9.14 27.85 -12.52
N ASP B 189 -8.93 28.36 -11.32
CA ASP B 189 -7.62 28.24 -10.68
C ASP B 189 -7.09 26.82 -10.84
N TRP B 190 -7.92 25.85 -10.47
CA TRP B 190 -7.57 24.44 -10.59
C TRP B 190 -7.26 24.10 -12.03
N ILE B 191 -8.29 24.17 -12.87
CA ILE B 191 -8.16 23.88 -14.29
C ILE B 191 -6.88 24.45 -14.92
N GLU B 192 -6.45 25.61 -14.45
CA GLU B 192 -5.26 26.23 -15.02
C GLU B 192 -3.96 25.84 -14.32
N GLY B 193 -3.95 24.62 -13.77
CA GLY B 193 -2.73 24.02 -13.26
C GLY B 193 -2.20 24.54 -11.94
N GLU B 194 -3.06 25.15 -11.13
CA GLU B 194 -2.64 25.63 -9.83
C GLU B 194 -2.14 24.45 -9.01
N THR B 195 -1.36 24.73 -7.97
CA THR B 195 -0.89 23.69 -7.07
C THR B 195 -1.21 24.05 -5.63
N TYR B 196 -1.85 23.14 -4.93
CA TYR B 196 -2.36 23.44 -3.60
C TYR B 196 -1.57 22.74 -2.50
N GLN B 197 -0.97 23.53 -1.61
CA GLN B 197 -0.14 23.01 -0.55
C GLN B 197 -0.86 22.93 0.79
N CYS B 198 -0.69 21.81 1.48
CA CYS B 198 -1.25 21.61 2.80
C CYS B 198 -0.10 21.37 3.76
N ARG B 199 0.01 22.20 4.79
CA ARG B 199 1.20 22.22 5.63
C ARG B 199 0.91 22.00 7.11
N VAL B 200 1.27 20.83 7.60
CA VAL B 200 0.97 20.41 8.97
C VAL B 200 2.14 20.59 9.93
N THR B 201 1.94 21.36 10.99
CA THR B 201 2.97 21.53 12.01
C THR B 201 2.55 20.94 13.35
N HIS B 202 3.52 20.63 14.19
CA HIS B 202 3.24 19.99 15.47
C HIS B 202 4.46 20.00 16.37
N PRO B 203 4.23 20.09 17.69
CA PRO B 203 5.27 20.07 18.73
C PRO B 203 5.98 18.74 18.75
N HIS B 204 5.32 17.71 18.24
CA HIS B 204 5.94 16.38 18.16
C HIS B 204 6.86 16.25 16.95
N LEU B 205 6.37 16.70 15.80
CA LEU B 205 7.14 16.55 14.57
C LEU B 205 8.37 17.45 14.55
N PRO B 206 9.51 16.88 14.13
CA PRO B 206 10.80 17.56 13.98
C PRO B 206 10.75 18.59 12.87
N ARG B 207 9.86 18.36 11.90
CA ARG B 207 9.61 19.35 10.85
C ARG B 207 8.12 19.45 10.60
N ALA B 208 7.76 19.90 9.41
CA ALA B 208 6.36 20.06 9.07
C ALA B 208 6.01 19.14 7.93
N LEU B 209 4.90 18.41 8.03
CA LEU B 209 4.44 17.59 6.91
C LEU B 209 3.89 18.47 5.81
N MET B 210 4.00 18.02 4.57
CA MET B 210 3.55 18.85 3.49
C MET B 210 3.15 18.01 2.29
N ARG B 211 1.89 18.18 1.87
CA ARG B 211 1.36 17.48 0.73
C ARG B 211 0.84 18.48 -0.30
N SER B 212 1.04 18.15 -1.59
CA SER B 212 0.59 18.99 -2.68
C SER B 212 -0.40 18.23 -3.53
N THR B 213 -1.06 18.93 -4.44
CA THR B 213 -1.98 18.30 -5.38
C THR B 213 -2.24 19.28 -6.52
N THR B 214 -2.30 18.75 -7.74
CA THR B 214 -2.50 19.58 -8.92
C THR B 214 -3.24 18.83 -10.02
N LYS B 215 -3.80 19.59 -10.96
CA LYS B 215 -4.42 19.02 -12.14
C LYS B 215 -3.51 17.94 -12.71
N THR B 216 -4.07 16.76 -12.98
CA THR B 216 -3.27 15.62 -13.40
C THR B 216 -2.63 15.84 -14.77
N SER B 217 -1.33 15.59 -14.87
CA SER B 217 -0.62 15.78 -16.12
C SER B 217 -1.08 14.80 -17.18
N GLY B 218 -0.53 14.95 -18.38
CA GLY B 218 -0.82 14.06 -19.48
C GLY B 218 -1.90 14.59 -20.39
N PRO B 219 -2.08 13.93 -21.55
CA PRO B 219 -3.04 14.25 -22.61
C PRO B 219 -4.44 13.76 -22.27
N ARG B 220 -5.47 14.57 -22.50
CA ARG B 220 -6.83 14.15 -22.16
C ARG B 220 -7.49 13.45 -23.33
N ALA B 221 -8.67 12.90 -23.06
CA ALA B 221 -9.48 12.25 -24.09
C ALA B 221 -10.90 12.09 -23.57
N ALA B 222 -11.86 12.66 -24.28
CA ALA B 222 -13.27 12.60 -23.89
C ALA B 222 -13.79 11.17 -23.85
N PRO B 223 -14.82 10.93 -23.02
CA PRO B 223 -15.42 9.61 -22.86
C PRO B 223 -16.37 9.22 -23.98
N GLU B 224 -16.71 7.93 -24.01
CA GLU B 224 -17.80 7.42 -24.83
C GLU B 224 -18.75 6.77 -23.84
N VAL B 225 -20.05 6.83 -24.09
CA VAL B 225 -21.00 6.25 -23.14
C VAL B 225 -21.99 5.32 -23.81
N TYR B 226 -22.54 4.37 -23.05
CA TYR B 226 -23.49 3.40 -23.58
C TYR B 226 -24.45 2.88 -22.51
N ALA B 227 -25.71 3.33 -22.57
CA ALA B 227 -26.74 2.86 -21.65
C ALA B 227 -27.38 1.54 -22.12
N PHE B 228 -27.28 0.50 -21.28
CA PHE B 228 -27.79 -0.83 -21.64
C PHE B 228 -28.86 -1.33 -20.65
N ALA B 229 -29.38 -2.52 -20.91
CA ALA B 229 -30.37 -3.15 -20.03
C ALA B 229 -30.74 -4.56 -20.49
N THR B 230 -31.20 -5.38 -19.54
CA THR B 230 -31.66 -6.73 -19.83
C THR B 230 -32.70 -7.15 -18.79
N PRO B 231 -33.97 -6.76 -19.01
CA PRO B 231 -35.11 -6.86 -18.09
C PRO B 231 -35.17 -8.16 -17.27
N GLU B 232 -35.56 -8.05 -16.00
CA GLU B 232 -35.28 -9.07 -15.02
C GLU B 232 -36.46 -9.82 -14.39
N TRP B 233 -36.14 -10.93 -13.73
CA TRP B 233 -37.10 -11.84 -13.13
C TRP B 233 -37.01 -11.86 -11.60
N ARG B 237 -41.07 -9.40 -7.63
CA ARG B 237 -41.62 -8.31 -8.46
C ARG B 237 -40.61 -7.80 -9.50
N ASP B 238 -40.59 -8.46 -10.66
CA ASP B 238 -39.62 -8.21 -11.72
C ASP B 238 -39.16 -6.75 -11.82
N LYS B 239 -37.86 -6.54 -11.66
CA LYS B 239 -37.24 -5.24 -11.87
C LYS B 239 -36.12 -5.38 -12.90
N ARG B 240 -35.94 -4.36 -13.73
CA ARG B 240 -34.92 -4.38 -14.78
C ARG B 240 -33.65 -3.62 -14.37
N THR B 241 -32.50 -4.06 -14.88
CA THR B 241 -31.21 -3.48 -14.50
C THR B 241 -30.56 -2.71 -15.64
N LEU B 242 -29.87 -1.63 -15.30
CA LEU B 242 -29.28 -0.74 -16.30
C LEU B 242 -27.77 -0.59 -16.14
N ALA B 243 -27.05 -0.58 -17.26
CA ALA B 243 -25.60 -0.52 -17.27
C ALA B 243 -25.07 0.68 -18.04
N CYS B 244 -23.77 0.91 -17.97
CA CYS B 244 -23.13 2.00 -18.70
C CYS B 244 -21.63 1.76 -18.87
N LEU B 245 -21.14 1.85 -20.11
CA LEU B 245 -19.73 1.61 -20.40
C LEU B 245 -19.01 2.88 -20.86
N ILE B 246 -18.58 3.68 -19.89
CA ILE B 246 -17.86 4.92 -20.17
C ILE B 246 -16.37 4.67 -20.35
N GLN B 247 -15.89 4.81 -21.58
CA GLN B 247 -14.54 4.35 -21.92
C GLN B 247 -13.67 5.32 -22.75
N ASN B 248 -12.37 5.02 -22.81
CA ASN B 248 -11.39 5.77 -23.61
C ASN B 248 -11.15 7.23 -23.22
N PHE B 249 -11.21 7.53 -21.92
CA PHE B 249 -10.89 8.87 -21.43
C PHE B 249 -9.49 8.88 -20.82
N MET B 250 -8.88 10.05 -20.67
CA MET B 250 -7.44 10.09 -20.36
C MET B 250 -6.92 10.84 -19.12
N PRO B 251 -7.81 11.39 -18.29
CA PRO B 251 -7.37 11.32 -16.90
C PRO B 251 -8.29 10.37 -16.15
N GLU B 252 -7.76 9.56 -15.24
CA GLU B 252 -8.61 8.67 -14.46
C GLU B 252 -9.78 9.42 -13.85
N ASP B 253 -9.57 10.71 -13.59
CA ASP B 253 -10.57 11.54 -12.95
C ASP B 253 -11.83 11.65 -13.81
N ILE B 254 -12.86 10.90 -13.44
CA ILE B 254 -14.15 10.98 -14.11
C ILE B 254 -15.29 10.95 -13.08
N SER B 255 -16.46 11.43 -13.49
CA SER B 255 -17.65 11.42 -12.63
C SER B 255 -18.85 10.84 -13.36
N VAL B 256 -19.48 9.84 -12.74
CA VAL B 256 -20.64 9.19 -13.34
C VAL B 256 -21.90 9.31 -12.49
N GLN B 257 -23.00 9.66 -13.14
CA GLN B 257 -24.28 9.75 -12.45
C GLN B 257 -25.46 9.44 -13.38
N TRP B 258 -26.57 9.01 -12.80
CA TRP B 258 -27.77 8.72 -13.55
C TRP B 258 -28.86 9.71 -13.16
N LEU B 259 -29.49 10.34 -14.15
CA LEU B 259 -30.54 11.31 -13.87
C LEU B 259 -31.93 10.70 -13.98
N LEU B 265 -31.19 11.05 -10.23
CA LEU B 265 -31.21 9.92 -9.30
C LEU B 265 -29.97 9.95 -8.39
N PRO B 266 -30.10 9.43 -7.16
CA PRO B 266 -29.10 9.52 -6.08
C PRO B 266 -27.76 8.82 -6.38
N ASP B 267 -26.68 9.36 -5.82
CA ASP B 267 -25.33 8.86 -6.08
C ASP B 267 -25.07 7.50 -5.45
N ALA B 268 -26.09 6.92 -4.84
CA ALA B 268 -25.95 5.63 -4.18
C ALA B 268 -26.92 4.59 -4.76
N ARG B 269 -27.88 5.05 -5.54
CA ARG B 269 -28.83 4.15 -6.20
C ARG B 269 -28.13 3.39 -7.33
N HIS B 270 -26.88 3.75 -7.58
CA HIS B 270 -26.07 3.06 -8.58
C HIS B 270 -24.67 2.76 -8.03
N SER B 271 -23.99 1.82 -8.68
CA SER B 271 -22.63 1.47 -8.31
C SER B 271 -21.71 1.65 -9.52
N THR B 272 -20.43 1.86 -9.26
CA THR B 272 -19.46 2.13 -10.33
C THR B 272 -18.08 1.53 -10.04
N THR B 273 -17.55 0.81 -11.03
CA THR B 273 -16.26 0.15 -10.89
C THR B 273 -15.17 1.19 -10.77
N GLN B 274 -13.95 0.74 -10.44
CA GLN B 274 -12.81 1.64 -10.51
C GLN B 274 -12.32 1.70 -11.96
N PRO B 275 -11.70 2.82 -12.33
CA PRO B 275 -11.13 2.94 -13.67
C PRO B 275 -10.00 1.94 -13.90
N ARG B 276 -9.97 1.36 -15.09
CA ARG B 276 -8.96 0.37 -15.45
C ARG B 276 -8.50 0.64 -16.88
N LYS B 277 -7.19 0.78 -17.08
CA LYS B 277 -6.65 1.10 -18.40
C LYS B 277 -7.09 0.08 -19.46
N THR B 278 -7.64 0.57 -20.57
CA THR B 278 -8.13 -0.29 -21.64
C THR B 278 -7.05 -0.52 -22.71
N LYS B 279 -7.45 -0.56 -23.97
CA LYS B 279 -6.46 -0.64 -25.04
C LYS B 279 -5.86 0.74 -25.29
N GLY B 280 -4.75 1.03 -24.63
CA GLY B 280 -4.11 2.33 -24.73
C GLY B 280 -5.04 3.51 -24.45
N PHE B 283 -8.92 4.83 -20.19
CA PHE B 283 -9.44 4.02 -19.09
C PHE B 283 -10.90 3.62 -19.36
N PHE B 284 -11.53 3.02 -18.36
CA PHE B 284 -12.94 2.69 -18.48
C PHE B 284 -13.59 2.42 -17.14
N VAL B 285 -14.92 2.60 -17.11
CA VAL B 285 -15.71 2.34 -15.91
C VAL B 285 -17.05 1.74 -16.32
N PHE B 286 -17.59 0.86 -15.46
CA PHE B 286 -18.95 0.37 -15.62
C PHE B 286 -19.82 1.01 -14.55
N SER B 287 -21.09 1.21 -14.88
CA SER B 287 -22.04 1.73 -13.92
C SER B 287 -23.29 0.86 -13.91
N ARG B 288 -23.68 0.42 -12.73
CA ARG B 288 -24.83 -0.47 -12.59
C ARG B 288 -25.97 0.21 -11.83
N LEU B 289 -27.04 0.50 -12.56
CA LEU B 289 -28.21 1.16 -11.99
C LEU B 289 -29.44 0.25 -12.04
N GLU B 290 -29.89 -0.17 -10.86
CA GLU B 290 -31.13 -0.94 -10.74
C GLU B 290 -32.27 0.01 -10.39
N VAL B 291 -33.33 0.00 -11.21
CA VAL B 291 -34.46 0.90 -10.99
C VAL B 291 -35.75 0.50 -11.71
N PHE B 302 -32.73 5.41 -18.39
CA PHE B 302 -32.86 6.86 -18.52
C PHE B 302 -31.55 7.47 -19.01
N ILE B 303 -30.87 8.23 -18.13
CA ILE B 303 -29.64 8.95 -18.52
C ILE B 303 -28.37 8.58 -17.75
N CYS B 304 -27.30 8.31 -18.50
CA CYS B 304 -26.00 8.00 -17.93
C CYS B 304 -25.05 9.15 -18.27
N ARG B 305 -24.81 10.04 -17.31
CA ARG B 305 -23.97 11.20 -17.56
C ARG B 305 -22.54 11.00 -17.08
N ALA B 306 -21.60 11.34 -17.96
CA ALA B 306 -20.18 11.26 -17.64
C ALA B 306 -19.58 12.67 -17.55
N VAL B 307 -19.26 13.10 -16.34
CA VAL B 307 -18.65 14.41 -16.16
C VAL B 307 -17.13 14.31 -16.19
N HIS B 308 -16.56 14.50 -17.37
CA HIS B 308 -15.12 14.38 -17.54
C HIS B 308 -14.45 15.69 -17.94
N GLU B 309 -13.21 15.88 -17.52
CA GLU B 309 -12.47 17.11 -17.79
C GLU B 309 -12.26 17.40 -19.28
N ALA B 310 -11.95 16.36 -20.04
CA ALA B 310 -11.69 16.52 -21.48
C ALA B 310 -12.99 16.65 -22.29
N ALA B 311 -14.07 16.09 -21.75
CA ALA B 311 -15.34 16.03 -22.46
C ALA B 311 -15.84 17.39 -22.97
N SER B 312 -16.21 17.45 -24.23
CA SER B 312 -16.80 18.66 -24.82
C SER B 312 -18.32 18.53 -24.82
N PRO B 313 -19.07 19.65 -24.71
CA PRO B 313 -19.08 21.10 -24.59
C PRO B 313 -19.18 21.58 -23.14
N SER B 314 -20.16 21.11 -22.38
CA SER B 314 -20.32 21.54 -20.99
C SER B 314 -19.38 20.79 -20.05
N GLN B 315 -18.44 20.04 -20.64
CA GLN B 315 -17.59 19.12 -19.90
C GLN B 315 -18.36 17.84 -19.55
N THR B 316 -19.18 17.38 -20.48
CA THR B 316 -20.06 16.23 -20.24
C THR B 316 -20.41 15.46 -21.50
N VAL B 317 -20.15 14.16 -21.48
CA VAL B 317 -20.72 13.26 -22.47
C VAL B 317 -21.87 12.55 -21.78
N GLN B 318 -22.74 11.93 -22.55
CA GLN B 318 -23.82 11.12 -21.95
C GLN B 318 -24.68 10.44 -23.01
N ARG B 319 -25.48 9.47 -22.55
CA ARG B 319 -26.38 8.77 -23.44
C ARG B 319 -27.63 8.35 -22.67
N ALA B 320 -28.44 7.50 -23.29
CA ALA B 320 -29.65 7.01 -22.66
C ALA B 320 -30.02 5.60 -23.15
N VAL B 321 -30.93 4.95 -22.44
CA VAL B 321 -31.41 3.62 -22.83
C VAL B 321 -32.88 3.45 -22.43
N SER B 322 -33.64 2.76 -23.27
CA SER B 322 -35.06 2.54 -23.03
C SER B 322 -35.30 1.24 -22.25
N ASP C 7 30.19 -5.40 -33.22
CA ASP C 7 30.96 -4.20 -32.92
C ASP C 7 30.02 -3.07 -32.53
N PHE C 8 28.96 -3.43 -31.82
CA PHE C 8 27.91 -2.49 -31.40
C PHE C 8 28.24 -1.82 -30.07
N THR C 9 27.27 -1.82 -29.17
CA THR C 9 27.40 -1.26 -27.82
C THR C 9 26.00 -1.11 -27.21
N PRO C 10 25.70 -1.92 -26.18
CA PRO C 10 24.42 -1.78 -25.45
C PRO C 10 24.19 -0.35 -24.96
N PRO C 11 22.98 -0.05 -24.49
CA PRO C 11 22.64 1.29 -24.00
C PRO C 11 22.91 1.40 -22.50
N THR C 12 23.16 2.61 -22.03
CA THR C 12 23.28 2.85 -20.61
C THR C 12 21.96 3.38 -20.07
N VAL C 13 21.39 2.69 -19.09
CA VAL C 13 20.05 3.05 -18.62
C VAL C 13 20.04 3.54 -17.16
N LYS C 14 19.66 4.80 -17.00
CA LYS C 14 19.53 5.40 -15.68
C LYS C 14 18.28 6.28 -15.65
N ILE C 15 17.72 6.41 -14.46
CA ILE C 15 16.51 7.21 -14.27
C ILE C 15 16.83 8.42 -13.41
N LEU C 16 16.48 9.60 -13.90
CA LEU C 16 16.55 10.81 -13.08
C LEU C 16 15.16 11.14 -12.57
N GLN C 17 15.07 11.64 -11.34
CA GLN C 17 13.77 11.95 -10.77
C GLN C 17 13.70 13.42 -10.41
N SER C 18 12.48 13.93 -10.27
CA SER C 18 12.28 15.29 -9.79
C SER C 18 12.97 15.45 -8.43
N SER C 19 13.48 16.65 -8.15
CA SER C 19 14.15 16.94 -6.88
C SER C 19 13.13 17.47 -5.88
N CYS C 20 13.57 17.73 -4.65
CA CYS C 20 12.65 18.27 -3.65
C CYS C 20 12.70 19.79 -3.45
N ASP C 21 11.75 20.28 -2.66
CA ASP C 21 11.72 21.67 -2.21
C ASP C 21 13.03 21.94 -1.51
N GLY C 22 13.40 23.21 -1.40
CA GLY C 22 14.58 23.54 -0.63
C GLY C 22 14.45 22.98 0.78
N GLY C 23 13.22 22.70 1.18
CA GLY C 23 12.94 22.26 2.54
C GLY C 23 12.67 20.78 2.60
N GLY C 24 12.82 20.11 1.46
CA GLY C 24 12.74 18.66 1.39
C GLY C 24 11.32 18.14 1.26
N HIS C 25 10.50 18.90 0.54
CA HIS C 25 9.11 18.50 0.35
C HIS C 25 8.87 17.99 -1.05
N PHE C 26 7.90 17.12 -1.20
CA PHE C 26 7.62 16.56 -2.51
C PHE C 26 6.77 17.47 -3.41
N PRO C 27 7.18 17.57 -4.68
CA PRO C 27 6.41 18.21 -5.76
C PRO C 27 5.00 17.64 -5.80
N PRO C 28 4.07 18.37 -6.43
CA PRO C 28 2.72 17.86 -6.68
C PRO C 28 2.77 16.64 -7.59
N THR C 29 3.40 16.80 -8.77
CA THR C 29 3.68 15.69 -9.65
C THR C 29 5.16 15.36 -9.61
N ILE C 30 5.51 14.11 -9.84
CA ILE C 30 6.91 13.71 -9.81
C ILE C 30 7.33 13.13 -11.14
N GLN C 31 8.16 13.85 -11.87
CA GLN C 31 8.65 13.32 -13.14
C GLN C 31 9.64 12.20 -12.91
N LEU C 32 9.60 11.20 -13.78
CA LEU C 32 10.68 10.22 -13.88
C LEU C 32 11.26 10.34 -15.28
N LEU C 33 12.56 10.59 -15.35
CA LEU C 33 13.22 10.74 -16.64
C LEU C 33 14.13 9.56 -16.90
N CYS C 34 13.86 8.87 -18.01
CA CYS C 34 14.61 7.67 -18.35
C CYS C 34 15.65 7.99 -19.41
N LEU C 35 16.91 7.86 -19.02
CA LEU C 35 18.01 8.20 -19.92
C LEU C 35 18.58 6.94 -20.54
N VAL C 36 18.21 6.69 -21.80
CA VAL C 36 18.81 5.62 -22.58
C VAL C 36 19.89 6.25 -23.43
N SER C 37 21.16 5.93 -23.15
CA SER C 37 22.26 6.65 -23.77
C SER C 37 23.42 5.75 -24.17
N GLY C 38 24.16 6.20 -25.17
CA GLY C 38 25.33 5.51 -25.66
C GLY C 38 25.03 4.13 -26.22
N TYR C 39 24.17 4.07 -27.23
CA TYR C 39 23.84 2.80 -27.84
C TYR C 39 23.88 2.91 -29.37
N THR C 40 24.24 1.80 -30.02
CA THR C 40 24.37 1.74 -31.47
C THR C 40 23.03 1.91 -32.16
N PRO C 41 22.91 2.94 -33.02
CA PRO C 41 21.67 3.30 -33.71
C PRO C 41 20.88 2.09 -34.20
N GLY C 42 19.74 1.85 -33.57
CA GLY C 42 18.86 0.77 -33.95
C GLY C 42 17.42 1.08 -33.59
N THR C 43 16.66 0.03 -33.26
CA THR C 43 15.28 0.21 -32.86
C THR C 43 15.14 -0.07 -31.37
N ILE C 44 14.74 0.95 -30.63
CA ILE C 44 14.63 0.87 -29.18
C ILE C 44 13.20 1.13 -28.71
N GLN C 45 12.70 0.26 -27.83
CA GLN C 45 11.34 0.41 -27.31
C GLN C 45 11.34 0.36 -25.79
N ILE C 46 10.77 1.40 -25.19
CA ILE C 46 10.84 1.58 -23.75
C ILE C 46 9.53 1.20 -23.06
N THR C 47 9.61 0.22 -22.17
CA THR C 47 8.45 -0.24 -21.42
C THR C 47 8.53 0.27 -19.99
N TRP C 48 7.42 0.83 -19.51
CA TRP C 48 7.37 1.40 -18.16
C TRP C 48 6.56 0.53 -17.22
N LEU C 49 7.23 0.03 -16.19
CA LEU C 49 6.61 -0.94 -15.30
C LEU C 49 6.28 -0.39 -13.92
N GLU C 50 5.00 -0.24 -13.62
CA GLU C 50 4.59 0.02 -12.25
C GLU C 50 4.50 -1.28 -11.44
N ASP C 51 5.49 -1.50 -10.60
CA ASP C 51 5.47 -2.63 -9.69
C ASP C 51 5.14 -3.90 -10.45
N GLY C 52 5.87 -4.14 -11.54
CA GLY C 52 5.73 -5.34 -12.33
C GLY C 52 4.66 -5.28 -13.41
N GLN C 53 3.98 -4.14 -13.52
CA GLN C 53 2.92 -3.99 -14.52
C GLN C 53 3.23 -2.89 -15.55
N VAL C 54 2.91 -3.16 -16.80
CA VAL C 54 3.06 -2.17 -17.87
C VAL C 54 2.17 -0.95 -17.61
N MET C 55 2.71 0.23 -17.86
CA MET C 55 1.94 1.46 -17.67
C MET C 55 1.97 2.26 -18.96
N ASP C 56 3.08 2.14 -19.69
CA ASP C 56 3.29 2.88 -20.93
C ASP C 56 4.37 2.22 -21.78
N VAL C 57 4.25 2.37 -23.10
CA VAL C 57 5.25 1.84 -24.03
C VAL C 57 5.50 2.80 -25.20
N ASP C 58 6.76 2.95 -25.57
CA ASP C 58 7.13 3.73 -26.73
C ASP C 58 8.13 2.95 -27.58
N LEU C 59 8.40 3.48 -28.77
CA LEU C 59 9.38 2.86 -29.65
C LEU C 59 10.04 3.93 -30.53
N SER C 60 11.35 4.06 -30.41
CA SER C 60 12.11 5.10 -31.12
C SER C 60 13.11 4.46 -32.08
N THR C 61 13.25 5.05 -33.27
CA THR C 61 14.19 4.55 -34.27
C THR C 61 14.84 5.69 -35.04
N LEU C 70 26.19 6.38 -32.63
CA LEU C 70 26.08 6.06 -31.21
C LEU C 70 25.11 7.06 -30.57
N ALA C 71 23.83 6.71 -30.61
CA ALA C 71 22.77 7.65 -30.19
C ALA C 71 22.29 7.48 -28.75
N SER C 72 21.31 8.30 -28.39
CA SER C 72 20.71 8.28 -27.07
C SER C 72 19.26 8.74 -27.23
N THR C 73 18.46 8.49 -26.20
CA THR C 73 17.05 8.85 -26.23
C THR C 73 16.49 8.92 -24.81
N GLN C 74 15.37 9.62 -24.65
CA GLN C 74 14.76 9.80 -23.34
C GLN C 74 13.26 9.43 -23.32
N SER C 75 12.82 8.77 -22.26
CA SER C 75 11.39 8.53 -22.02
C SER C 75 10.98 9.02 -20.64
N GLU C 76 9.83 9.67 -20.56
CA GLU C 76 9.40 10.29 -19.31
C GLU C 76 8.05 9.77 -18.81
N LEU C 77 7.99 9.52 -17.50
CA LEU C 77 6.78 9.11 -16.81
C LEU C 77 6.48 10.09 -15.66
N THR C 78 5.22 10.54 -15.57
CA THR C 78 4.81 11.48 -14.54
C THR C 78 3.91 10.80 -13.50
N LEU C 79 4.06 11.18 -12.24
CA LEU C 79 3.35 10.50 -11.16
C LEU C 79 2.70 11.47 -10.18
N SER C 80 1.51 11.12 -9.71
CA SER C 80 0.89 11.86 -8.61
C SER C 80 1.84 11.82 -7.44
N GLN C 81 1.92 12.91 -6.69
CA GLN C 81 2.70 12.92 -5.47
C GLN C 81 2.21 11.82 -4.54
N LYS C 82 0.91 11.54 -4.62
CA LYS C 82 0.31 10.45 -3.86
C LYS C 82 0.81 9.13 -4.39
N HIS C 83 0.62 8.94 -5.70
CA HIS C 83 1.06 7.75 -6.42
C HIS C 83 2.50 7.42 -6.05
N TRP C 84 3.34 8.43 -6.06
CA TRP C 84 4.75 8.26 -5.76
C TRP C 84 4.92 7.84 -4.31
N LEU C 85 4.23 8.54 -3.41
CA LEU C 85 4.32 8.27 -1.98
C LEU C 85 3.73 6.90 -1.62
N SER C 86 3.17 6.23 -2.61
CA SER C 86 2.65 4.89 -2.41
C SER C 86 3.76 3.87 -2.26
N ASP C 87 5.00 4.28 -2.50
CA ASP C 87 6.13 3.36 -2.36
C ASP C 87 6.04 2.20 -3.34
N ARG C 88 5.48 2.48 -4.52
CA ARG C 88 5.47 1.50 -5.60
C ARG C 88 6.79 1.59 -6.37
N THR C 89 7.19 0.49 -7.00
CA THR C 89 8.49 0.42 -7.66
C THR C 89 8.38 0.53 -9.17
N TYR C 90 8.78 1.68 -9.72
CA TYR C 90 8.70 1.90 -11.16
C TYR C 90 9.98 1.49 -11.87
N THR C 91 9.82 0.83 -13.02
CA THR C 91 10.95 0.35 -13.78
C THR C 91 10.94 0.97 -15.16
N CYS C 92 12.14 1.19 -15.70
CA CYS C 92 12.27 1.55 -17.09
C CYS C 92 12.93 0.36 -17.78
N GLN C 93 12.22 -0.21 -18.74
CA GLN C 93 12.67 -1.45 -19.38
C GLN C 93 12.93 -1.27 -20.86
N VAL C 94 14.20 -1.01 -21.19
CA VAL C 94 14.62 -0.83 -22.57
C VAL C 94 14.83 -2.19 -23.19
N THR C 95 14.17 -2.42 -24.33
CA THR C 95 14.26 -3.72 -25.01
C THR C 95 14.85 -3.64 -26.42
N HIS C 99 17.26 -7.35 -26.86
CA HIS C 99 17.46 -7.90 -25.53
C HIS C 99 17.09 -6.85 -24.46
N THR C 100 16.81 -7.30 -23.23
CA THR C 100 16.33 -6.41 -22.16
C THR C 100 17.42 -5.72 -21.33
N PHE C 101 17.25 -4.41 -21.15
CA PHE C 101 18.00 -3.62 -20.18
C PHE C 101 16.98 -2.88 -19.32
N GLU C 102 17.35 -2.55 -18.09
CA GLU C 102 16.41 -1.86 -17.21
C GLU C 102 16.98 -1.27 -15.92
N ASP C 103 16.39 -0.16 -15.50
CA ASP C 103 16.67 0.47 -14.23
C ASP C 103 15.35 0.66 -13.51
N SER C 104 15.38 0.69 -12.17
CA SER C 104 14.16 0.84 -11.38
C SER C 104 14.40 1.72 -10.15
N THR C 105 13.39 2.50 -9.78
CA THR C 105 13.49 3.39 -8.63
C THR C 105 12.21 3.37 -7.80
N LYS C 106 12.31 3.90 -6.58
CA LYS C 106 11.13 4.17 -5.76
C LYS C 106 11.38 5.37 -4.83
N LYS C 107 10.37 5.78 -4.08
CA LYS C 107 10.56 6.75 -3.00
C LYS C 107 11.68 6.25 -2.09
N CYS C 108 12.73 7.06 -1.91
CA CYS C 108 13.87 6.64 -1.11
C CYS C 108 13.46 6.35 0.32
N ALA C 109 13.69 5.12 0.76
CA ALA C 109 13.21 4.67 2.07
C ALA C 109 14.30 4.71 3.14
N ASN C 112 13.85 1.20 6.33
CA ASN C 112 12.68 0.38 6.64
C ASN C 112 12.71 -0.98 5.94
N PRO C 113 12.41 -2.04 6.69
CA PRO C 113 12.22 -3.43 6.23
C PRO C 113 10.79 -3.89 6.44
N ARG C 114 10.36 -4.92 5.69
CA ARG C 114 8.97 -5.39 5.79
C ARG C 114 8.87 -6.92 5.80
N GLY C 115 8.23 -7.46 6.83
CA GLY C 115 8.19 -8.89 7.06
C GLY C 115 7.28 -9.66 6.11
N VAL C 116 7.42 -10.98 6.10
CA VAL C 116 6.69 -11.83 5.17
C VAL C 116 5.18 -11.81 5.40
N SER C 117 4.44 -11.71 4.29
CA SER C 117 3.00 -11.89 4.24
C SER C 117 2.77 -13.22 3.53
N ALA C 118 1.66 -13.89 3.84
CA ALA C 118 1.34 -15.17 3.20
C ALA C 118 -0.13 -15.30 2.82
N TYR C 119 -0.40 -15.43 1.52
CA TYR C 119 -1.76 -15.50 1.01
C TYR C 119 -2.06 -16.91 0.53
N LEU C 120 -3.34 -17.27 0.54
CA LEU C 120 -3.75 -18.63 0.19
C LEU C 120 -5.07 -18.65 -0.57
N SER C 121 -4.97 -18.94 -1.87
CA SER C 121 -6.10 -18.82 -2.79
C SER C 121 -7.13 -19.95 -2.68
N ARG C 122 -8.35 -19.65 -3.09
CA ARG C 122 -9.37 -20.67 -3.31
C ARG C 122 -9.36 -21.06 -4.79
N PRO C 123 -9.81 -22.28 -5.10
CA PRO C 123 -9.82 -22.73 -6.50
C PRO C 123 -10.81 -21.96 -7.37
N SER C 124 -10.52 -21.92 -8.66
CA SER C 124 -11.40 -21.30 -9.63
C SER C 124 -12.65 -22.17 -9.78
N PRO C 125 -13.85 -21.56 -9.74
CA PRO C 125 -15.06 -22.37 -9.98
C PRO C 125 -15.00 -23.07 -11.33
N PHE C 126 -14.19 -22.50 -12.23
CA PHE C 126 -13.89 -23.10 -13.52
C PHE C 126 -12.87 -24.23 -13.36
N ASP C 127 -11.75 -23.91 -12.72
CA ASP C 127 -10.73 -24.90 -12.38
C ASP C 127 -11.31 -26.08 -11.65
N LEU C 128 -12.50 -25.90 -11.09
CA LEU C 128 -13.07 -26.83 -10.12
C LEU C 128 -14.10 -27.76 -10.74
N PHE C 129 -14.90 -27.23 -11.66
CA PHE C 129 -15.98 -27.99 -12.26
C PHE C 129 -15.74 -28.27 -13.74
N ILE C 130 -15.43 -27.22 -14.50
CA ILE C 130 -15.08 -27.40 -15.91
C ILE C 130 -13.79 -28.20 -16.02
N ARG C 131 -12.67 -27.53 -15.79
CA ARG C 131 -11.37 -28.18 -15.90
C ARG C 131 -11.22 -29.38 -14.94
N LYS C 132 -12.07 -29.43 -13.92
CA LYS C 132 -12.03 -30.47 -12.87
C LYS C 132 -10.61 -30.81 -12.38
N SER C 133 -9.75 -29.80 -12.29
CA SER C 133 -8.38 -29.99 -11.81
C SER C 133 -8.00 -28.85 -10.87
N PRO C 134 -8.59 -28.82 -9.66
CA PRO C 134 -8.49 -27.73 -8.67
C PRO C 134 -7.09 -27.53 -8.10
N THR C 135 -6.67 -26.28 -7.93
CA THR C 135 -5.39 -25.98 -7.31
C THR C 135 -5.45 -24.77 -6.40
N ILE C 136 -5.07 -24.96 -5.14
CA ILE C 136 -4.94 -23.84 -4.23
C ILE C 136 -3.47 -23.45 -4.19
N THR C 137 -3.19 -22.17 -4.01
CA THR C 137 -1.81 -21.70 -4.06
C THR C 137 -1.44 -20.85 -2.86
N CYS C 138 -0.32 -21.21 -2.22
CA CYS C 138 0.16 -20.47 -1.07
C CYS C 138 1.25 -19.54 -1.49
N LEU C 139 1.02 -18.24 -1.28
CA LEU C 139 1.95 -17.20 -1.69
C LEU C 139 2.61 -16.53 -0.50
N VAL C 140 3.93 -16.42 -0.53
CA VAL C 140 4.67 -15.75 0.52
C VAL C 140 5.52 -14.62 -0.05
N VAL C 141 5.31 -13.39 0.43
CA VAL C 141 6.02 -12.24 -0.13
C VAL C 141 6.87 -11.49 0.90
N ASP C 142 7.60 -10.48 0.42
CA ASP C 142 8.40 -9.61 1.28
C ASP C 142 9.41 -10.34 2.15
N LEU C 143 9.97 -11.41 1.60
CA LEU C 143 11.00 -12.17 2.30
C LEU C 143 12.38 -11.55 2.11
N ALA C 144 13.17 -11.56 3.19
CA ALA C 144 14.57 -11.20 3.07
C ALA C 144 15.26 -12.34 2.33
N PRO C 145 15.92 -12.00 1.22
CA PRO C 145 16.70 -12.96 0.42
C PRO C 145 17.93 -13.46 1.18
N SER C 146 18.34 -12.71 2.20
CA SER C 146 19.49 -13.09 3.01
C SER C 146 19.07 -13.64 4.36
N LYS C 147 17.78 -13.48 4.69
CA LYS C 147 17.26 -13.94 5.96
C LYS C 147 17.51 -15.43 6.11
N GLY C 148 17.45 -16.14 4.99
CA GLY C 148 17.65 -17.57 4.98
C GLY C 148 16.74 -18.24 3.98
N THR C 149 16.36 -19.50 4.24
CA THR C 149 15.48 -20.22 3.35
C THR C 149 14.12 -20.48 3.99
N VAL C 150 13.06 -20.40 3.18
CA VAL C 150 11.67 -20.52 3.64
C VAL C 150 11.05 -21.89 3.36
N GLN C 151 10.84 -22.68 4.40
CA GLN C 151 10.12 -23.94 4.25
C GLN C 151 8.63 -23.67 4.14
N LEU C 152 7.99 -24.29 3.15
CA LEU C 152 6.55 -24.21 2.96
C LEU C 152 5.95 -25.61 3.07
N THR C 153 4.83 -25.74 3.78
CA THR C 153 4.30 -27.06 4.17
C THR C 153 2.77 -27.19 4.12
N TRP C 154 2.27 -28.15 3.34
CA TRP C 154 0.82 -28.38 3.23
C TRP C 154 0.30 -29.42 4.20
N SER C 155 -0.97 -29.28 4.59
CA SER C 155 -1.60 -30.28 5.44
C SER C 155 -3.12 -30.19 5.35
N ARG C 156 -3.77 -31.35 5.41
CA ARG C 156 -5.21 -31.42 5.33
C ARG C 156 -5.80 -31.48 6.74
N ALA C 157 -6.84 -30.70 6.98
CA ALA C 157 -7.48 -30.67 8.29
C ALA C 157 -7.70 -32.09 8.79
N SER C 158 -8.24 -32.93 7.91
CA SER C 158 -8.51 -34.32 8.23
C SER C 158 -7.27 -35.02 8.78
N GLY C 159 -6.26 -35.20 7.93
CA GLY C 159 -5.03 -35.83 8.35
C GLY C 159 -4.43 -36.55 7.17
N LYS C 160 -5.31 -36.97 6.26
CA LYS C 160 -4.87 -37.62 5.03
C LYS C 160 -3.70 -36.85 4.44
N PRO C 161 -2.75 -37.58 3.84
CA PRO C 161 -1.56 -36.94 3.26
C PRO C 161 -1.93 -36.04 2.09
N VAL C 162 -1.20 -34.94 1.92
CA VAL C 162 -1.40 -34.08 0.76
C VAL C 162 -0.71 -34.69 -0.46
N ASN C 163 -1.03 -34.16 -1.64
CA ASN C 163 -0.35 -34.59 -2.85
C ASN C 163 1.00 -33.86 -3.03
N HIS C 164 1.36 -33.57 -4.27
CA HIS C 164 2.66 -32.99 -4.56
C HIS C 164 2.54 -31.50 -4.85
N SER C 165 3.20 -30.69 -4.03
CA SER C 165 3.15 -29.24 -4.17
C SER C 165 4.31 -28.69 -5.01
N THR C 166 3.97 -27.98 -6.07
CA THR C 166 4.96 -27.32 -6.92
C THR C 166 5.39 -25.98 -6.33
N ARG C 167 6.67 -25.84 -5.99
CA ARG C 167 7.19 -24.63 -5.35
C ARG C 167 8.03 -23.77 -6.29
N LYS C 168 7.45 -22.67 -6.77
CA LYS C 168 8.15 -21.78 -7.69
C LYS C 168 8.49 -20.43 -7.04
N GLU C 169 9.78 -20.08 -7.00
CA GLU C 169 10.21 -18.80 -6.43
C GLU C 169 10.60 -17.77 -7.49
N GLU C 170 10.56 -16.49 -7.12
CA GLU C 170 10.80 -15.39 -8.06
C GLU C 170 11.33 -14.12 -7.38
N LYS C 171 12.64 -14.08 -7.10
CA LYS C 171 13.25 -12.89 -6.52
C LYS C 171 12.73 -11.64 -7.22
N GLN C 172 12.03 -10.81 -6.47
CA GLN C 172 11.30 -9.68 -7.04
C GLN C 172 12.17 -8.47 -7.34
N ARG C 173 11.59 -7.51 -8.07
CA ARG C 173 12.31 -6.33 -8.56
C ARG C 173 12.70 -5.33 -7.46
N ASN C 174 11.89 -5.28 -6.41
CA ASN C 174 12.10 -4.36 -5.30
C ASN C 174 12.95 -4.97 -4.18
N GLY C 175 13.70 -6.02 -4.49
CA GLY C 175 14.62 -6.60 -3.54
C GLY C 175 14.06 -7.67 -2.62
N THR C 176 12.78 -7.98 -2.74
CA THR C 176 12.16 -8.98 -1.86
C THR C 176 12.08 -10.33 -2.53
N LEU C 177 11.99 -11.36 -1.70
CA LEU C 177 11.82 -12.73 -2.16
C LEU C 177 10.33 -13.03 -2.20
N THR C 178 9.85 -13.64 -3.28
CA THR C 178 8.44 -14.07 -3.35
C THR C 178 8.25 -15.56 -3.65
N VAL C 179 8.04 -16.35 -2.59
CA VAL C 179 7.94 -17.79 -2.71
C VAL C 179 6.50 -18.23 -3.00
N THR C 180 6.35 -19.22 -3.87
CA THR C 180 5.04 -19.79 -4.21
C THR C 180 5.05 -21.29 -3.97
N SER C 181 3.89 -21.88 -3.73
CA SER C 181 3.75 -23.33 -3.70
C SER C 181 2.32 -23.73 -4.05
N THR C 182 2.12 -24.17 -5.29
CA THR C 182 0.80 -24.54 -5.74
C THR C 182 0.52 -26.02 -5.48
N LEU C 183 -0.48 -26.28 -4.65
CA LEU C 183 -0.88 -27.64 -4.30
C LEU C 183 -2.14 -28.04 -5.04
N PRO C 184 -2.13 -29.23 -5.65
CA PRO C 184 -3.28 -29.83 -6.35
C PRO C 184 -4.25 -30.46 -5.34
N VAL C 185 -5.55 -30.30 -5.57
CA VAL C 185 -6.56 -30.71 -4.61
C VAL C 185 -7.70 -31.50 -5.27
N GLY C 186 -8.23 -32.48 -4.54
CA GLY C 186 -9.33 -33.31 -5.04
C GLY C 186 -10.68 -32.64 -4.97
N THR C 187 -11.37 -32.59 -6.10
CA THR C 187 -12.69 -31.96 -6.16
C THR C 187 -13.59 -32.46 -5.05
N ARG C 188 -13.72 -33.78 -4.93
CA ARG C 188 -14.59 -34.36 -3.91
C ARG C 188 -14.13 -33.94 -2.52
N ASP C 189 -12.87 -34.21 -2.22
CA ASP C 189 -12.28 -33.78 -0.96
C ASP C 189 -12.70 -32.35 -0.64
N TRP C 190 -12.50 -31.46 -1.61
CA TRP C 190 -12.89 -30.06 -1.46
C TRP C 190 -14.38 -29.94 -1.21
N ILE C 191 -15.16 -30.39 -2.19
CA ILE C 191 -16.60 -30.28 -2.14
C ILE C 191 -17.16 -30.75 -0.81
N GLU C 192 -16.49 -31.72 -0.20
CA GLU C 192 -16.96 -32.24 1.08
C GLU C 192 -16.35 -31.52 2.28
N GLY C 193 -16.06 -30.23 2.10
CA GLY C 193 -15.66 -29.36 3.20
C GLY C 193 -14.29 -29.56 3.83
N GLU C 194 -13.35 -30.12 3.06
CA GLU C 194 -12.00 -30.28 3.56
C GLU C 194 -11.44 -28.90 3.90
N THR C 195 -10.40 -28.88 4.72
CA THR C 195 -9.70 -27.64 5.01
C THR C 195 -8.21 -27.81 4.71
N TYR C 196 -7.67 -26.90 3.91
CA TYR C 196 -6.28 -27.03 3.48
C TYR C 196 -5.37 -26.02 4.16
N GLN C 197 -4.33 -26.52 4.82
CA GLN C 197 -3.42 -25.69 5.58
C GLN C 197 -2.11 -25.49 4.85
N CYS C 198 -1.66 -24.23 4.83
CA CYS C 198 -0.36 -23.86 4.30
C CYS C 198 0.48 -23.28 5.44
N ARG C 199 1.64 -23.86 5.68
CA ARG C 199 2.44 -23.51 6.86
C ARG C 199 3.86 -23.04 6.49
N VAL C 200 4.10 -21.75 6.68
CA VAL C 200 5.36 -21.11 6.29
C VAL C 200 6.33 -20.95 7.46
N THR C 201 7.50 -21.57 7.36
CA THR C 201 8.53 -21.43 8.39
C THR C 201 9.77 -20.70 7.87
N HIS C 202 10.49 -20.05 8.77
CA HIS C 202 11.67 -19.27 8.40
C HIS C 202 12.56 -19.05 9.62
N PRO C 203 13.87 -18.91 9.39
CA PRO C 203 14.85 -18.59 10.44
C PRO C 203 14.61 -17.18 10.99
N HIS C 204 14.04 -16.31 10.17
CA HIS C 204 13.74 -14.96 10.62
C HIS C 204 12.53 -14.96 11.54
N LEU C 205 11.44 -15.58 11.11
CA LEU C 205 10.18 -15.53 11.85
C LEU C 205 10.27 -16.21 13.22
N PRO C 206 9.71 -15.57 14.25
CA PRO C 206 9.65 -16.07 15.62
C PRO C 206 8.69 -17.23 15.71
N ARG C 207 7.77 -17.30 14.75
CA ARG C 207 6.88 -18.44 14.62
C ARG C 207 6.66 -18.80 13.16
N ALA C 208 5.58 -19.52 12.89
CA ALA C 208 5.29 -19.97 11.55
C ALA C 208 4.00 -19.35 11.06
N LEU C 209 4.01 -18.79 9.86
CA LEU C 209 2.78 -18.28 9.26
C LEU C 209 1.90 -19.44 8.84
N MET C 210 0.59 -19.25 8.94
CA MET C 210 -0.33 -20.34 8.68
C MET C 210 -1.65 -19.84 8.11
N ARG C 211 -1.96 -20.27 6.89
CA ARG C 211 -3.19 -19.85 6.22
C ARG C 211 -4.03 -21.06 5.83
N SER C 212 -5.34 -20.92 5.99
CA SER C 212 -6.27 -22.00 5.68
C SER C 212 -7.20 -21.58 4.57
N THR C 213 -7.88 -22.56 3.99
CA THR C 213 -8.92 -22.31 3.00
C THR C 213 -9.86 -23.51 2.92
N THR C 214 -11.17 -23.26 2.84
CA THR C 214 -12.16 -24.32 2.77
C THR C 214 -13.35 -23.88 1.93
N LYS C 215 -14.20 -24.85 1.58
CA LYS C 215 -15.43 -24.56 0.86
C LYS C 215 -16.21 -23.48 1.59
N THR C 216 -16.70 -22.49 0.84
CA THR C 216 -17.33 -21.33 1.46
C THR C 216 -18.68 -21.67 2.09
N SER C 217 -18.86 -21.28 3.35
CA SER C 217 -20.15 -21.44 4.02
C SER C 217 -21.21 -20.56 3.36
N GLY C 218 -22.37 -20.41 3.96
CA GLY C 218 -23.40 -19.54 3.42
C GLY C 218 -24.22 -20.13 2.29
N PRO C 219 -25.38 -19.52 1.99
CA PRO C 219 -26.34 -19.95 0.97
C PRO C 219 -25.92 -19.53 -0.43
N ARG C 220 -26.10 -20.41 -1.41
CA ARG C 220 -25.69 -20.14 -2.78
C ARG C 220 -26.82 -19.47 -3.57
N ALA C 221 -26.48 -18.96 -4.75
CA ALA C 221 -27.47 -18.43 -5.69
C ALA C 221 -26.83 -18.33 -7.07
N ALA C 222 -27.42 -19.02 -8.04
CA ALA C 222 -26.90 -19.05 -9.39
C ALA C 222 -26.92 -17.66 -10.03
N PRO C 223 -26.03 -17.43 -11.00
CA PRO C 223 -25.86 -16.15 -11.69
C PRO C 223 -26.88 -15.89 -12.77
N GLU C 224 -26.96 -14.63 -13.18
CA GLU C 224 -27.70 -14.22 -14.36
C GLU C 224 -26.66 -13.63 -15.29
N VAL C 225 -26.84 -13.77 -16.60
CA VAL C 225 -25.84 -13.24 -17.53
C VAL C 225 -26.46 -12.41 -18.66
N TYR C 226 -25.69 -11.48 -19.21
CA TYR C 226 -26.17 -10.57 -20.25
C TYR C 226 -25.02 -10.09 -21.15
N ALA C 227 -24.97 -10.61 -22.37
CA ALA C 227 -23.97 -10.17 -23.34
C ALA C 227 -24.46 -8.94 -24.10
N PHE C 228 -23.68 -7.87 -24.03
CA PHE C 228 -24.07 -6.61 -24.67
C PHE C 228 -23.10 -6.19 -25.78
N ALA C 229 -23.58 -5.31 -26.65
CA ALA C 229 -22.78 -4.85 -27.77
C ALA C 229 -22.96 -3.35 -28.02
N THR C 230 -21.86 -2.70 -28.39
CA THR C 230 -21.86 -1.26 -28.56
C THR C 230 -21.85 -0.87 -30.03
N PRO C 231 -22.18 0.39 -30.33
CA PRO C 231 -21.98 1.00 -31.65
C PRO C 231 -20.55 0.78 -32.17
N ARG C 237 -15.00 4.42 -34.93
CA ARG C 237 -13.70 3.84 -34.65
C ARG C 237 -13.36 2.66 -35.56
N ASP C 238 -14.14 1.59 -35.45
CA ASP C 238 -14.03 0.39 -36.28
C ASP C 238 -13.17 -0.74 -35.69
N LYS C 239 -13.11 -0.80 -34.36
CA LYS C 239 -12.66 -2.00 -33.67
C LYS C 239 -13.84 -2.46 -32.81
N ARG C 240 -13.68 -3.57 -32.09
CA ARG C 240 -14.80 -4.14 -31.34
C ARG C 240 -14.79 -3.82 -29.84
N THR C 241 -15.99 -3.81 -29.26
CA THR C 241 -16.15 -3.71 -27.81
C THR C 241 -17.37 -4.49 -27.33
N LEU C 242 -17.16 -5.41 -26.40
CA LEU C 242 -18.23 -6.27 -25.89
C LEU C 242 -18.24 -6.34 -24.37
N ALA C 243 -19.43 -6.34 -23.79
CA ALA C 243 -19.58 -6.33 -22.34
C ALA C 243 -20.38 -7.52 -21.83
N CYS C 244 -20.47 -7.65 -20.50
CA CYS C 244 -21.21 -8.74 -19.88
C CYS C 244 -21.51 -8.41 -18.43
N LEU C 245 -22.77 -8.55 -18.04
CA LEU C 245 -23.17 -8.26 -16.65
C LEU C 245 -23.66 -9.49 -15.89
N ILE C 246 -22.72 -10.27 -15.37
CA ILE C 246 -23.03 -11.44 -14.55
C ILE C 246 -23.35 -11.02 -13.11
N GLN C 247 -24.59 -11.18 -12.70
CA GLN C 247 -25.05 -10.65 -11.41
C GLN C 247 -25.91 -11.60 -10.58
N ASN C 248 -26.18 -11.17 -9.34
CA ASN C 248 -27.01 -11.90 -8.38
C ASN C 248 -26.57 -13.34 -8.02
N PHE C 249 -25.25 -13.56 -7.93
CA PHE C 249 -24.73 -14.87 -7.48
C PHE C 249 -24.22 -14.80 -6.04
N MET C 250 -24.19 -15.95 -5.34
CA MET C 250 -24.02 -15.90 -3.89
C MET C 250 -22.84 -16.59 -3.19
N PRO C 251 -21.89 -17.14 -3.96
CA PRO C 251 -20.54 -16.99 -3.42
C PRO C 251 -19.75 -16.05 -4.34
N GLU C 252 -18.90 -15.19 -3.76
CA GLU C 252 -18.09 -14.29 -4.58
C GLU C 252 -17.31 -15.08 -5.63
N ASP C 253 -17.02 -16.34 -5.31
CA ASP C 253 -16.23 -17.21 -6.18
C ASP C 253 -16.95 -17.48 -7.50
N ILE C 254 -16.52 -16.78 -8.55
CA ILE C 254 -17.10 -16.97 -9.87
C ILE C 254 -16.00 -16.97 -10.91
N SER C 255 -16.29 -17.51 -12.09
CA SER C 255 -15.34 -17.51 -13.19
C SER C 255 -16.00 -17.01 -14.48
N VAL C 256 -15.28 -16.14 -15.18
CA VAL C 256 -15.80 -15.55 -16.41
C VAL C 256 -14.81 -15.72 -17.57
N GLN C 257 -15.32 -16.14 -18.71
CA GLN C 257 -14.50 -16.27 -19.91
C GLN C 257 -15.34 -16.08 -21.16
N TRP C 258 -14.67 -15.70 -22.25
CA TRP C 258 -15.33 -15.52 -23.54
C TRP C 258 -14.79 -16.56 -24.53
N LEU C 259 -15.69 -17.27 -25.19
CA LEU C 259 -15.28 -18.29 -26.15
C LEU C 259 -15.41 -17.83 -27.59
N HIS C 260 -15.00 -18.72 -28.50
CA HIS C 260 -15.09 -18.48 -29.93
C HIS C 260 -14.29 -19.55 -30.68
N GLN C 264 -12.27 -20.87 -27.59
CA GLN C 264 -12.22 -20.30 -26.25
C GLN C 264 -11.20 -19.17 -26.16
N LEU C 265 -11.64 -17.93 -26.42
CA LEU C 265 -10.77 -16.76 -26.41
C LEU C 265 -9.99 -16.65 -25.10
N PRO C 266 -8.76 -16.10 -25.17
CA PRO C 266 -7.77 -16.08 -24.06
C PRO C 266 -8.22 -15.31 -22.82
N ASP C 267 -7.76 -15.76 -21.66
CA ASP C 267 -8.17 -15.17 -20.38
C ASP C 267 -7.58 -13.78 -20.16
N ALA C 268 -6.88 -13.27 -21.16
CA ALA C 268 -6.29 -11.94 -21.06
C ALA C 268 -6.77 -10.99 -22.15
N ARG C 269 -7.48 -11.53 -23.14
CA ARG C 269 -8.08 -10.73 -24.21
C ARG C 269 -9.31 -9.97 -23.67
N HIS C 270 -9.67 -10.24 -22.42
CA HIS C 270 -10.76 -9.53 -21.77
C HIS C 270 -10.37 -9.12 -20.36
N SER C 271 -11.12 -8.16 -19.81
CA SER C 271 -10.91 -7.71 -18.44
C SER C 271 -12.19 -7.89 -17.63
N THR C 272 -12.03 -8.02 -16.32
CA THR C 272 -13.16 -8.26 -15.44
C THR C 272 -13.05 -7.55 -14.09
N THR C 273 -14.13 -6.89 -13.68
CA THR C 273 -14.16 -6.17 -12.43
C THR C 273 -14.12 -7.13 -11.23
N GLN C 274 -13.87 -6.60 -10.04
CA GLN C 274 -14.02 -7.40 -8.84
C GLN C 274 -15.49 -7.49 -8.50
N PRO C 275 -15.89 -8.58 -7.84
CA PRO C 275 -17.28 -8.72 -7.36
C PRO C 275 -17.64 -7.63 -6.36
N ARG C 276 -18.85 -7.09 -6.46
CA ARG C 276 -19.34 -6.05 -5.56
C ARG C 276 -20.80 -6.32 -5.21
N LYS C 277 -21.08 -6.52 -3.93
CA LYS C 277 -22.45 -6.81 -3.50
C LYS C 277 -23.44 -5.83 -4.14
N THR C 278 -24.52 -6.37 -4.71
CA THR C 278 -25.55 -5.55 -5.36
C THR C 278 -26.85 -5.52 -4.54
N GLY C 282 -27.03 -10.22 -3.92
CA GLY C 282 -25.94 -11.02 -4.43
C GLY C 282 -24.72 -10.19 -4.76
N PHE C 283 -23.88 -10.67 -5.68
CA PHE C 283 -22.74 -9.91 -6.16
C PHE C 283 -22.88 -9.60 -7.64
N PHE C 284 -21.85 -9.01 -8.23
CA PHE C 284 -21.87 -8.77 -9.67
C PHE C 284 -20.48 -8.49 -10.23
N VAL C 285 -20.32 -8.74 -11.52
CA VAL C 285 -19.05 -8.49 -12.19
C VAL C 285 -19.33 -7.97 -13.59
N PHE C 286 -18.45 -7.11 -14.10
CA PHE C 286 -18.50 -6.71 -15.49
C PHE C 286 -17.35 -7.36 -16.23
N SER C 287 -17.55 -7.67 -17.50
CA SER C 287 -16.49 -8.21 -18.33
C SER C 287 -16.40 -7.40 -19.62
N ARG C 288 -15.19 -6.97 -19.97
CA ARG C 288 -15.00 -6.15 -21.16
C ARG C 288 -14.10 -6.88 -22.14
N LEU C 289 -14.69 -7.27 -23.27
CA LEU C 289 -13.97 -7.97 -24.31
C LEU C 289 -13.94 -7.16 -25.61
N GLU C 290 -12.76 -6.68 -25.96
CA GLU C 290 -12.56 -5.98 -27.23
C GLU C 290 -12.11 -7.00 -28.27
N VAL C 291 -12.86 -7.11 -29.35
CA VAL C 291 -12.56 -8.06 -30.41
C VAL C 291 -12.71 -7.42 -31.79
N THR C 292 -11.62 -7.47 -32.55
CA THR C 292 -11.53 -6.80 -33.85
C THR C 292 -12.78 -7.02 -34.70
N ARG C 293 -13.13 -6.03 -35.51
CA ARG C 293 -14.21 -6.18 -36.47
C ARG C 293 -13.93 -7.36 -37.42
N ALA C 294 -12.71 -7.89 -37.32
CA ALA C 294 -12.30 -9.08 -38.07
C ALA C 294 -12.89 -10.32 -37.42
N GLU C 295 -13.01 -10.29 -36.09
CA GLU C 295 -13.74 -11.31 -35.34
C GLU C 295 -15.24 -11.08 -35.50
N TRP C 296 -15.60 -9.87 -35.91
CA TRP C 296 -16.98 -9.54 -36.28
C TRP C 296 -17.30 -10.24 -37.59
N GLU C 297 -16.25 -10.60 -38.33
CA GLU C 297 -16.37 -11.21 -39.65
C GLU C 297 -16.43 -12.74 -39.59
N GLN C 298 -16.16 -13.29 -38.42
CA GLN C 298 -16.32 -14.73 -38.18
C GLN C 298 -17.64 -14.99 -37.45
N LYS C 299 -17.93 -14.17 -36.42
CA LYS C 299 -19.25 -14.17 -35.78
C LYS C 299 -19.58 -12.80 -35.17
N PHE C 302 -19.88 -12.79 -29.26
CA PHE C 302 -19.87 -14.23 -29.19
C PHE C 302 -20.43 -14.75 -27.87
N ILE C 303 -19.60 -15.41 -27.07
CA ILE C 303 -20.08 -16.07 -25.85
C ILE C 303 -19.46 -15.55 -24.54
N CYS C 304 -20.34 -15.28 -23.57
CA CYS C 304 -19.92 -14.87 -22.24
C CYS C 304 -20.32 -15.95 -21.22
N ARG C 305 -19.34 -16.77 -20.83
CA ARG C 305 -19.61 -17.86 -19.91
C ARG C 305 -19.28 -17.55 -18.46
N ALA C 306 -20.22 -17.88 -17.59
CA ALA C 306 -20.06 -17.73 -16.15
C ALA C 306 -19.99 -19.09 -15.50
N VAL C 307 -18.82 -19.48 -15.02
CA VAL C 307 -18.67 -20.75 -14.32
C VAL C 307 -18.82 -20.54 -12.83
N HIS C 308 -20.03 -20.75 -12.33
CA HIS C 308 -20.32 -20.51 -10.92
C HIS C 308 -20.76 -21.78 -10.20
N GLU C 309 -20.41 -21.86 -8.92
CA GLU C 309 -20.71 -23.05 -8.13
C GLU C 309 -22.19 -23.38 -8.09
N ALA C 310 -23.03 -22.36 -7.92
CA ALA C 310 -24.47 -22.57 -7.77
C ALA C 310 -25.16 -22.73 -9.11
N ALA C 311 -24.50 -22.29 -10.17
CA ALA C 311 -25.02 -22.32 -11.55
C ALA C 311 -25.53 -23.69 -11.99
N SER C 312 -26.77 -23.70 -12.47
CA SER C 312 -27.44 -24.92 -12.91
C SER C 312 -27.17 -25.27 -14.37
N PRO C 313 -27.02 -26.57 -14.62
CA PRO C 313 -26.68 -27.61 -15.59
C PRO C 313 -25.30 -28.17 -15.23
N SER C 314 -24.31 -27.79 -16.03
CA SER C 314 -22.95 -28.25 -15.83
C SER C 314 -22.16 -27.31 -14.92
N GLN C 315 -22.88 -26.53 -14.13
CA GLN C 315 -22.28 -25.50 -13.27
C GLN C 315 -21.88 -24.28 -14.10
N THR C 316 -22.73 -23.91 -15.05
CA THR C 316 -22.43 -22.81 -15.96
C THR C 316 -23.70 -22.13 -16.49
N VAL C 317 -23.75 -20.80 -16.32
CA VAL C 317 -24.70 -19.96 -17.03
C VAL C 317 -23.94 -19.36 -18.20
N GLN C 318 -24.65 -18.73 -19.13
CA GLN C 318 -23.99 -18.11 -20.27
C GLN C 318 -24.99 -17.43 -21.21
N ARG C 319 -24.48 -16.52 -22.02
CA ARG C 319 -25.29 -15.87 -23.04
C ARG C 319 -24.40 -15.45 -24.20
N ALA C 320 -24.98 -14.71 -25.14
CA ALA C 320 -24.25 -14.28 -26.32
C ALA C 320 -24.78 -12.93 -26.81
N VAL C 321 -24.04 -12.32 -27.74
CA VAL C 321 -24.43 -11.07 -28.36
C VAL C 321 -23.88 -11.01 -29.79
N SER C 322 -24.65 -10.43 -30.70
CA SER C 322 -24.23 -10.30 -32.10
C SER C 322 -23.51 -8.98 -32.37
C1 NAG D . 8.01 -28.08 33.49
C2 NAG D . 8.65 -28.41 32.15
C3 NAG D . 8.10 -27.57 31.00
C4 NAG D . 6.58 -27.42 31.07
C5 NAG D . 6.10 -27.12 32.48
C6 NAG D . 4.59 -27.15 32.54
C7 NAG D . 10.82 -29.21 32.76
C8 NAG D . 12.31 -29.02 32.70
N2 NAG D . 10.08 -28.24 32.24
O3 NAG D . 8.49 -28.16 29.78
O4 NAG D . 6.24 -26.33 30.25
O5 NAG D . 6.60 -28.05 33.41
O6 NAG D . 4.20 -26.91 33.87
O7 NAG D . 10.32 -30.21 33.27
C1 NAG D . 5.81 -26.80 28.96
C2 NAG D . 4.72 -25.87 28.43
C3 NAG D . 4.31 -26.20 27.00
C4 NAG D . 5.54 -26.49 26.13
C5 NAG D . 6.52 -27.42 26.82
C6 NAG D . 7.77 -27.67 25.99
C7 NAG D . 3.53 -24.71 30.15
C8 NAG D . 2.58 -24.71 31.30
N2 NAG D . 3.60 -25.78 29.35
O3 NAG D . 3.51 -25.14 26.48
O4 NAG D . 5.16 -27.14 24.93
O5 NAG D . 6.90 -26.85 28.05
O6 NAG D . 8.50 -28.67 26.64
O7 NAG D . 4.24 -23.71 29.97
C1 BMA D . 5.42 -26.23 23.81
C2 BMA D . 6.06 -27.01 22.65
C3 BMA D . 6.46 -26.10 21.53
C4 BMA D . 5.27 -25.22 21.16
C5 BMA D . 4.72 -24.52 22.39
C6 BMA D . 3.53 -23.64 22.06
O2 BMA D . 5.13 -27.93 22.14
O3 BMA D . 6.89 -26.89 20.45
O4 BMA D . 5.71 -24.29 20.16
O5 BMA D . 4.33 -25.47 23.34
O6 BMA D . 3.89 -22.68 21.06
C1 MAN D . 8.13 -26.33 19.97
C2 MAN D . 8.17 -26.00 18.46
C3 MAN D . 8.60 -27.20 17.61
C4 MAN D . 9.76 -27.94 18.28
C5 MAN D . 9.36 -28.31 19.69
C6 MAN D . 10.43 -29.11 20.40
O2 MAN D . 8.95 -24.85 18.18
O3 MAN D . 9.03 -26.73 16.36
O4 MAN D . 10.12 -29.10 17.55
O5 MAN D . 9.22 -27.11 20.41
O6 MAN D . 11.18 -28.25 21.20
C1 NAG E . 21.50 -13.61 28.43
C2 NAG E . 22.11 -12.34 27.85
C3 NAG E . 23.12 -12.69 26.77
C4 NAG E . 24.18 -13.64 27.32
C5 NAG E . 23.65 -14.73 28.26
C6 NAG E . 24.74 -15.09 29.26
C7 NAG E . 20.97 -10.17 27.78
C8 NAG E . 21.30 -9.93 29.22
N2 NAG E . 21.09 -11.43 27.34
O3 NAG E . 23.77 -11.51 26.33
O4 NAG E . 24.79 -14.27 26.21
O5 NAG E . 22.51 -14.38 29.03
O6 NAG E . 24.90 -14.02 30.16
O7 NAG E . 20.60 -9.25 27.06
C1 NAG F . -7.26 4.44 14.25
C2 NAG F . -6.44 4.13 13.01
C3 NAG F . -6.77 5.06 11.86
C4 NAG F . -8.27 5.18 11.66
C5 NAG F . -9.01 5.39 12.98
C6 NAG F . -10.54 5.40 12.85
C7 NAG F . -4.20 3.25 13.24
C8 NAG F . -4.11 2.31 14.41
N2 NAG F . -5.04 4.28 13.36
O3 NAG F . -6.18 4.55 10.68
O4 NAG F . -8.49 6.31 10.84
O5 NAG F . -8.64 4.42 13.95
O6 NAG F . -11.01 4.20 12.29
O7 NAG F . -3.52 3.08 12.23
C1 NAG G . 7.73 -5.93 -4.15
C2 NAG G . 6.73 -5.61 -3.04
C3 NAG G . 5.85 -6.79 -2.78
C4 NAG G . 5.04 -6.99 -4.04
C5 NAG G . 5.95 -7.20 -5.25
C6 NAG G . 5.10 -7.09 -6.52
C7 NAG G . 7.17 -3.94 -1.36
C8 NAG G . 6.41 -2.99 -2.25
N2 NAG G . 7.37 -5.18 -1.82
O3 NAG G . 5.03 -6.51 -1.68
O4 NAG G . 4.14 -8.08 -3.91
O5 NAG G . 7.04 -6.29 -5.34
O6 NAG G . 5.92 -7.00 -7.66
O7 NAG G . 7.57 -3.57 -0.25
#